data_9L4K
#
_entry.id   9L4K
#
_cell.length_a   1.00
_cell.length_b   1.00
_cell.length_c   1.00
_cell.angle_alpha   90.00
_cell.angle_beta   90.00
_cell.angle_gamma   90.00
#
_symmetry.space_group_name_H-M   'P 1'
#
loop_
_entity.id
_entity.type
_entity.pdbx_description
1 polymer 'NACHT, LRR and PYD domains-containing protein 2'
2 polymer 'Transducin-like enhancer protein 6'
3 polymer 'Oocyte-expressed protein homolog'
#
loop_
_entity_poly.entity_id
_entity_poly.type
_entity_poly.pdbx_seq_one_letter_code
_entity_poly.pdbx_strand_id
1 'polypeptide(L)'
;MVSSAQMGFNLQALLEQLSQDELSKFKYLITTFSLAHELQKIPHKEVDKADGKQLVEILTTHCDSYWVEMASLQVFEKMH
RMDLSERAKDEVREAALKSFNKRKPLSLGITRKERPPLDVDEMLERFKTEAQAFTETKGNVICLGKEVFKGKKPDKDNRC
RYILKTKFREMWKSWPGDSKEVQVMAERYKMLIPFSNPRVLPGPFSYTVVLYGPAGLGKTTLAQKLMLDWAEDNLIHKFK
YAFYLSCRELSRLGPCSFAELVFRDWPELQDDIPHILAQARKILFVIDGFDELGAAPGALIEDICGDWEKKKPVPVLLGS
LLNRVMLPKAALLVTTRPRALRDLRILAEEPIYIRVEGFLEEDRRAYFLRHFGDEDQAMRAFELMRSNAALFQLGSAPAV
CWIVCTTLKLQMEKGEDPVPTCLTRTGLFLRFLCSRFPQGAQLRGALRTLSLLAAQGLWAQTSVLHREDLERLGVQESDL
RLFLDGDILRQDRVSKGCYSFIHLSFQQFLTALFYTLEKEEEEDRDGHTWDIGDVQKLLSGVERLRNPDLIQAGYYSFGL
ANEKRAKELEATFGCRMSPDIKQELLRCDISCKGGHSTVTDLQELLGCLYESQEEELVKEVMAQFKEISLHLNAVDVVPS
SFCVKHCRNLQKMSLQVIKENLPENVTASESDAEVERSQDDQHMLPFWTDLCSIFGSNKDLMGLAINDSFLSASLVRILC
EQIASDTCHLQRVVFKNISPADAHRNLCLALRGHKTVTYLTLQGNDQDDMFPALCEVLRHPECNLRYLGLVSCSATTQQW
ADLSLALEVNQSLTCVNLSDNELLDEGAKLLYTTLRHPKCFLQRLSLENCHLTEANCKDLAAVLVVSRELTHLCLAKNPI
GNTGVKFLCEGLRYPECKLQTLVLWNCDITSDGCCDLTKLLQEKSSLLCLDLGLNHIGVKGMKFLCEALRKPLCNLRCLW
LWGCSIPPFSCEDLCSALSCNQSLVTLDLGQNPLGSSGVKMLFETLTCSSGTLRTLRLKIDDFNDELNKLLEEIEEKNPQ
LIIDTEKHHPWAERPSSHDFMI
;
A
2 'polypeptide(L)'
;MTSRDQPRPKGPPKSTSPCPGISNSESSPTLNYQGILNRLKQFPRFSPHFAAELESIYYSLHKIQQDVAEHHKQIGNVLQ
IVESCSQLQGFQSEEVSPAEPASPGTPQQVKDKTLQESSFEDIMATRSSDWLRRPLGEDNQPETQLFWDKEPWFWHDTLT
EQLWRIFAGVHDEKAKPRDRQQAPGLGQESKAPGSCDPGTDPCPEDASTPRPPEASSSPPEGSQDRNTSWGVVQEPPGRA
SRFLQSISWDPEDFEDAWKRPDALPGQSKRLAVPCKLEKMRILAHGELVLATAISSFTRHVFTCGRRGIKVWSLTGQVAE
DRFPESHLPIQTPGAFLRTCLLSSNSRSLLTGGYNLASVSVWDLAAPSLHVKEQLPCAGLNCQALDANLDANLAFASFTS
GVVRIWDLRDQSVVRDLKGYPDGVKSIVVKGYNIWTGGPDACLRCWDQRTIMKPLEYQFKSQIMSLSHSPQEDWVLLGMA
NGQQWLQSTSGSQRHMVGQKDSVILSVKFSPFGQWWASVGMDDFLGVYSMPAGTKVFEVPEMSPVTCCDVSSNNRLVVTG
SGEHASVYQITY
;
B
3 'polypeptide(L)'
;MVDDAGAAESQRGKQTPAHSLEQLRRLPLPPPQIRIRPWWFPVQELRDPLVFYLEAWLADELFGPDRAIIPEMEWTSQAL
LTVDIVDSGNLVEITVFGRPRVQNRVKSMLLCLAWFHREHRARAEKMKHLEKNLKAHASDPHSPQDPVA
;
C
#
# COMPACT_ATOMS: atom_id res chain seq x y z
N ASP A 157 -77.63 -23.00 27.34
CA ASP A 157 -76.75 -23.03 26.18
C ASP A 157 -76.23 -21.62 25.88
N ASN A 158 -77.13 -20.73 25.46
CA ASN A 158 -76.74 -19.37 25.13
C ASN A 158 -76.46 -18.54 26.38
N ARG A 159 -76.87 -19.02 27.56
CA ARG A 159 -76.56 -18.32 28.79
C ARG A 159 -75.06 -18.16 29.01
N CYS A 160 -74.28 -19.16 28.59
CA CYS A 160 -72.83 -19.07 28.74
C CYS A 160 -72.27 -17.91 27.92
N ARG A 161 -72.67 -17.82 26.66
CA ARG A 161 -72.23 -16.72 25.81
C ARG A 161 -72.75 -15.37 26.33
N TYR A 162 -73.96 -15.36 26.87
CA TYR A 162 -74.51 -14.13 27.43
C TYR A 162 -73.66 -13.64 28.60
N ILE A 163 -73.32 -14.54 29.51
CA ILE A 163 -72.48 -14.15 30.65
C ILE A 163 -71.09 -13.73 30.17
N LEU A 164 -70.54 -14.46 29.18
CA LEU A 164 -69.24 -14.10 28.65
C LEU A 164 -69.23 -12.69 28.09
N LYS A 165 -70.19 -12.37 27.23
CA LYS A 165 -70.22 -11.04 26.64
C LYS A 165 -70.51 -9.96 27.68
N THR A 166 -71.32 -10.29 28.71
CA THR A 166 -71.57 -9.32 29.77
C THR A 166 -70.30 -8.98 30.52
N LYS A 167 -69.50 -10.00 30.85
CA LYS A 167 -68.23 -9.74 31.52
C LYS A 167 -67.24 -9.04 30.61
N PHE A 168 -67.28 -9.36 29.31
CA PHE A 168 -66.39 -8.71 28.35
C PHE A 168 -66.68 -7.22 28.26
N ARG A 169 -67.96 -6.85 28.17
CA ARG A 169 -68.33 -5.44 28.09
C ARG A 169 -67.79 -4.65 29.28
N GLU A 170 -67.74 -5.26 30.46
CA GLU A 170 -67.14 -4.62 31.61
C GLU A 170 -65.63 -4.54 31.46
N MET A 171 -64.99 -5.66 31.08
CA MET A 171 -63.53 -5.66 30.96
C MET A 171 -63.05 -4.95 29.69
N TRP A 172 -63.96 -4.68 28.75
CA TRP A 172 -63.61 -3.98 27.52
C TRP A 172 -63.15 -2.55 27.79
N LYS A 180 -62.86 3.65 20.95
CA LYS A 180 -62.83 3.81 19.50
C LYS A 180 -61.46 3.45 18.93
N GLU A 181 -60.41 3.93 19.59
CA GLU A 181 -59.05 3.60 19.16
C GLU A 181 -58.79 2.10 19.23
N VAL A 182 -59.28 1.47 20.30
CA VAL A 182 -59.19 0.02 20.40
C VAL A 182 -59.88 -0.64 19.22
N GLN A 183 -61.07 -0.13 18.83
CA GLN A 183 -61.75 -0.67 17.67
C GLN A 183 -60.95 -0.45 16.39
N VAL A 184 -60.31 0.72 16.26
CA VAL A 184 -59.53 1.01 15.06
C VAL A 184 -58.38 0.03 14.92
N MET A 185 -57.60 -0.15 15.99
CA MET A 185 -56.45 -1.04 15.88
C MET A 185 -56.88 -2.49 15.78
N ALA A 186 -57.99 -2.86 16.42
CA ALA A 186 -58.50 -4.22 16.29
C ALA A 186 -58.91 -4.51 14.84
N GLU A 187 -59.55 -3.55 14.18
CA GLU A 187 -59.88 -3.72 12.78
C GLU A 187 -58.64 -3.79 11.91
N ARG A 188 -57.65 -2.94 12.18
CA ARG A 188 -56.42 -2.98 11.39
C ARG A 188 -55.74 -4.35 11.48
N TYR A 189 -55.59 -4.86 12.70
CA TYR A 189 -54.94 -6.16 12.85
C TYR A 189 -55.83 -7.30 12.37
N LYS A 190 -57.15 -7.13 12.41
CA LYS A 190 -58.04 -8.11 11.79
C LYS A 190 -57.81 -8.19 10.30
N MET A 191 -57.55 -7.03 9.67
CA MET A 191 -57.08 -7.05 8.29
C MET A 191 -55.75 -7.78 8.19
N LEU A 192 -54.86 -7.56 9.16
CA LEU A 192 -53.55 -8.21 9.13
C LEU A 192 -53.65 -9.72 9.34
N ILE A 193 -54.34 -10.16 10.38
CA ILE A 193 -54.34 -11.57 10.76
C ILE A 193 -55.22 -12.38 9.79
N PRO A 194 -54.68 -13.44 9.18
CA PRO A 194 -55.51 -14.24 8.26
C PRO A 194 -56.70 -14.92 8.92
N PHE A 195 -56.57 -15.32 10.19
CA PHE A 195 -57.62 -16.11 10.83
C PHE A 195 -58.95 -15.37 10.86
N SER A 196 -58.93 -14.10 11.29
CA SER A 196 -60.15 -13.32 11.35
C SER A 196 -60.32 -12.38 10.16
N ASN A 197 -59.41 -12.39 9.21
CA ASN A 197 -59.52 -11.50 8.05
C ASN A 197 -60.81 -11.81 7.27
N PRO A 198 -61.56 -10.79 6.86
CA PRO A 198 -62.81 -11.04 6.13
C PRO A 198 -62.62 -11.65 4.75
N ARG A 199 -61.43 -11.56 4.16
CA ARG A 199 -61.16 -12.07 2.82
C ARG A 199 -60.17 -13.22 2.87
N VAL A 200 -60.37 -14.14 3.81
CA VAL A 200 -59.60 -15.37 3.91
C VAL A 200 -60.58 -16.53 4.06
N LEU A 201 -60.40 -17.57 3.26
CA LEU A 201 -61.32 -18.70 3.27
C LEU A 201 -61.25 -19.44 4.60
N PRO A 202 -62.36 -19.62 5.30
CA PRO A 202 -62.36 -20.37 6.58
C PRO A 202 -62.50 -21.87 6.37
N GLY A 203 -61.41 -22.49 5.91
CA GLY A 203 -61.39 -23.91 5.65
C GLY A 203 -61.63 -24.74 6.88
N PRO A 204 -62.37 -25.85 6.72
CA PRO A 204 -62.72 -26.70 7.86
C PRO A 204 -61.57 -27.63 8.28
N PHE A 205 -60.54 -27.03 8.86
CA PHE A 205 -59.40 -27.78 9.37
C PHE A 205 -58.73 -26.99 10.48
N SER A 206 -57.89 -27.67 11.25
CA SER A 206 -57.27 -27.08 12.43
C SER A 206 -56.34 -25.93 12.06
N TYR A 207 -56.46 -24.82 12.77
CA TYR A 207 -55.57 -23.67 12.63
C TYR A 207 -54.81 -23.47 13.93
N THR A 208 -53.49 -23.38 13.83
CA THR A 208 -52.64 -23.05 14.97
C THR A 208 -52.06 -21.67 14.72
N VAL A 209 -52.56 -20.68 15.47
CA VAL A 209 -52.13 -19.30 15.33
C VAL A 209 -51.30 -18.91 16.54
N VAL A 210 -50.10 -18.39 16.28
CA VAL A 210 -49.16 -18.01 17.33
C VAL A 210 -48.88 -16.52 17.18
N LEU A 211 -48.98 -15.79 18.29
CA LEU A 211 -48.70 -14.36 18.30
C LEU A 211 -47.41 -14.10 19.08
N TYR A 212 -46.46 -13.44 18.42
CA TYR A 212 -45.16 -13.13 19.00
C TYR A 212 -44.89 -11.65 18.85
N GLY A 213 -44.45 -11.02 19.93
CA GLY A 213 -44.09 -9.62 19.90
C GLY A 213 -43.37 -9.19 21.16
N PRO A 214 -42.80 -7.99 21.14
CA PRO A 214 -42.20 -7.45 22.37
C PRO A 214 -43.25 -7.24 23.44
N ALA A 215 -42.77 -6.89 24.64
CA ALA A 215 -43.66 -6.67 25.77
C ALA A 215 -44.61 -5.51 25.48
N GLY A 216 -45.85 -5.65 25.96
CA GLY A 216 -46.85 -4.64 25.69
C GLY A 216 -47.56 -4.89 24.38
N LEU A 217 -47.92 -3.79 23.71
CA LEU A 217 -48.49 -3.76 22.36
C LEU A 217 -49.90 -4.36 22.33
N GLY A 218 -50.40 -4.89 23.44
CA GLY A 218 -51.78 -5.31 23.54
C GLY A 218 -52.21 -6.46 22.64
N LYS A 219 -51.43 -7.54 22.60
CA LYS A 219 -51.94 -8.75 21.95
C LYS A 219 -53.04 -9.41 22.75
N THR A 220 -52.98 -9.32 24.08
CA THR A 220 -54.05 -9.81 24.94
C THR A 220 -55.34 -9.04 24.68
N THR A 221 -55.22 -7.73 24.50
CA THR A 221 -56.41 -6.92 24.20
C THR A 221 -57.02 -7.31 22.85
N LEU A 222 -56.18 -7.58 21.86
CA LEU A 222 -56.69 -8.05 20.57
C LEU A 222 -57.43 -9.38 20.74
N ALA A 223 -56.87 -10.28 21.54
CA ALA A 223 -57.54 -11.56 21.78
C ALA A 223 -58.90 -11.36 22.45
N GLN A 224 -58.95 -10.48 23.44
CA GLN A 224 -60.21 -10.22 24.14
C GLN A 224 -61.25 -9.62 23.20
N LYS A 225 -60.84 -8.68 22.36
CA LYS A 225 -61.77 -8.09 21.40
C LYS A 225 -62.25 -9.14 20.40
N LEU A 226 -61.36 -10.03 19.96
CA LEU A 226 -61.78 -11.09 19.04
C LEU A 226 -62.80 -12.01 19.69
N MET A 227 -62.58 -12.38 20.97
CA MET A 227 -63.54 -13.24 21.65
C MET A 227 -64.88 -12.53 21.82
N LEU A 228 -64.85 -11.23 22.13
CA LEU A 228 -66.10 -10.48 22.26
C LEU A 228 -66.83 -10.40 20.93
N ASP A 229 -66.08 -10.22 19.83
CA ASP A 229 -66.71 -10.22 18.51
C ASP A 229 -67.35 -11.56 18.21
N TRP A 230 -66.71 -12.66 18.62
CA TRP A 230 -67.32 -13.98 18.49
C TRP A 230 -68.61 -14.06 19.30
N ALA A 231 -68.61 -13.52 20.51
CA ALA A 231 -69.81 -13.57 21.35
C ALA A 231 -70.96 -12.77 20.76
N GLU A 232 -70.67 -11.55 20.27
CA GLU A 232 -71.71 -10.70 19.72
C GLU A 232 -72.22 -11.24 18.39
N ASP A 233 -71.52 -12.22 17.83
CA ASP A 233 -71.71 -12.72 16.47
C ASP A 233 -71.21 -11.65 15.49
N ASN A 234 -70.50 -10.65 16.02
CA ASN A 234 -69.86 -9.66 15.17
C ASN A 234 -68.85 -10.31 14.24
N LEU A 235 -68.03 -11.22 14.77
CA LEU A 235 -67.11 -11.99 13.96
C LEU A 235 -67.89 -13.01 13.13
N ILE A 236 -67.15 -13.74 12.28
CA ILE A 236 -67.78 -14.82 11.53
C ILE A 236 -68.39 -15.85 12.48
N HIS A 237 -67.66 -16.20 13.54
CA HIS A 237 -68.14 -17.14 14.56
C HIS A 237 -68.55 -18.48 13.95
N LYS A 238 -67.70 -19.01 13.06
CA LYS A 238 -67.92 -20.33 12.49
C LYS A 238 -67.97 -21.39 13.58
N PHE A 239 -67.26 -21.15 14.68
CA PHE A 239 -67.21 -22.09 15.79
C PHE A 239 -68.48 -22.00 16.63
N LYS A 240 -68.98 -23.16 17.06
CA LYS A 240 -70.21 -23.20 17.84
C LYS A 240 -70.00 -22.65 19.25
N TYR A 241 -68.90 -23.03 19.89
CA TYR A 241 -68.63 -22.60 21.27
C TYR A 241 -67.14 -22.42 21.45
N ALA A 242 -66.77 -21.51 22.36
CA ALA A 242 -65.38 -21.16 22.57
C ALA A 242 -65.11 -20.98 24.05
N PHE A 243 -63.84 -21.19 24.44
CA PHE A 243 -63.40 -21.08 25.82
C PHE A 243 -62.12 -20.27 25.88
N TYR A 244 -61.90 -19.63 27.02
CA TYR A 244 -60.66 -18.90 27.30
C TYR A 244 -59.90 -19.64 28.40
N LEU A 245 -58.66 -20.01 28.09
CA LEU A 245 -57.80 -20.71 29.04
C LEU A 245 -56.63 -19.82 29.41
N SER A 246 -56.54 -19.45 30.68
CA SER A 246 -55.50 -18.57 31.18
C SER A 246 -54.39 -19.42 31.78
N CYS A 247 -53.18 -19.29 31.22
CA CYS A 247 -52.05 -20.08 31.71
C CYS A 247 -51.70 -19.73 33.15
N ARG A 248 -51.99 -18.50 33.58
CA ARG A 248 -51.65 -18.10 34.94
C ARG A 248 -52.40 -18.94 35.96
N GLU A 249 -53.69 -19.19 35.72
CA GLU A 249 -54.44 -20.09 36.60
C GLU A 249 -53.88 -21.51 36.56
N LEU A 250 -53.58 -22.00 35.35
CA LEU A 250 -53.09 -23.37 35.20
C LEU A 250 -51.70 -23.55 35.82
N SER A 251 -50.98 -22.44 36.05
CA SER A 251 -49.64 -22.55 36.61
C SER A 251 -49.66 -23.16 38.01
N ARG A 252 -50.60 -22.74 38.86
CA ARG A 252 -50.64 -23.24 40.23
C ARG A 252 -51.38 -24.56 40.35
N LEU A 253 -52.17 -24.92 39.33
CA LEU A 253 -53.00 -26.12 39.41
C LEU A 253 -52.14 -27.37 39.46
N GLY A 254 -52.63 -28.40 40.16
CA GLY A 254 -51.95 -29.67 40.27
C GLY A 254 -52.41 -30.65 39.20
N PRO A 255 -51.91 -31.89 39.28
CA PRO A 255 -52.27 -32.89 38.26
C PRO A 255 -53.77 -33.16 38.24
N CYS A 256 -54.31 -33.26 37.02
CA CYS A 256 -55.74 -33.43 36.80
C CYS A 256 -55.95 -34.07 35.45
N SER A 257 -57.22 -34.28 35.10
CA SER A 257 -57.58 -34.69 33.75
C SER A 257 -57.78 -33.46 32.87
N PHE A 258 -57.68 -33.66 31.56
CA PHE A 258 -57.88 -32.56 30.63
C PHE A 258 -59.31 -32.06 30.68
N ALA A 259 -60.28 -32.97 30.75
CA ALA A 259 -61.68 -32.59 30.78
C ALA A 259 -62.01 -31.75 32.01
N GLU A 260 -61.59 -32.22 33.19
CA GLU A 260 -61.83 -31.43 34.39
C GLU A 260 -60.97 -30.18 34.42
N LEU A 261 -59.83 -30.19 33.75
CA LEU A 261 -59.00 -28.99 33.66
C LEU A 261 -59.74 -27.88 32.92
N VAL A 262 -60.38 -28.22 31.79
CA VAL A 262 -61.02 -27.20 30.98
C VAL A 262 -62.43 -26.86 31.48
N PHE A 263 -63.11 -27.83 32.10
CA PHE A 263 -64.49 -27.57 32.52
C PHE A 263 -64.58 -26.90 33.88
N ARG A 264 -63.44 -26.72 34.56
CA ARG A 264 -63.46 -26.26 35.95
C ARG A 264 -64.11 -24.88 36.10
N ASP A 265 -64.09 -24.06 35.05
CA ASP A 265 -64.64 -22.71 35.15
C ASP A 265 -66.17 -22.70 35.18
N TRP A 266 -66.81 -23.61 34.43
CA TRP A 266 -68.27 -23.61 34.31
C TRP A 266 -68.84 -24.72 35.17
N PRO A 267 -69.84 -24.45 36.00
CA PRO A 267 -70.30 -25.45 36.98
C PRO A 267 -71.08 -26.61 36.39
N GLU A 268 -71.50 -26.56 35.12
CA GLU A 268 -72.42 -27.56 34.60
C GLU A 268 -71.89 -28.29 33.37
N LEU A 269 -70.64 -28.06 32.97
CA LEU A 269 -70.13 -28.68 31.75
C LEU A 269 -69.87 -30.17 31.91
N GLN A 270 -69.74 -30.65 33.16
CA GLN A 270 -69.49 -32.06 33.38
C GLN A 270 -70.60 -32.93 32.78
N ASP A 271 -71.83 -32.41 32.75
CA ASP A 271 -72.92 -33.13 32.10
C ASP A 271 -72.69 -33.22 30.60
N ASP A 272 -72.21 -32.14 29.98
CA ASP A 272 -72.03 -32.11 28.53
C ASP A 272 -70.71 -32.71 28.07
N ILE A 273 -70.04 -33.52 28.90
CA ILE A 273 -68.75 -34.12 28.54
C ILE A 273 -68.81 -34.82 27.19
N PRO A 274 -69.77 -35.72 26.92
CA PRO A 274 -69.73 -36.46 25.65
C PRO A 274 -69.93 -35.56 24.43
N HIS A 275 -70.93 -34.69 24.46
CA HIS A 275 -71.20 -33.85 23.30
C HIS A 275 -70.07 -32.85 23.06
N ILE A 276 -69.53 -32.27 24.14
CA ILE A 276 -68.47 -31.28 23.99
C ILE A 276 -67.20 -31.94 23.46
N LEU A 277 -66.80 -33.06 24.06
CA LEU A 277 -65.54 -33.67 23.66
C LEU A 277 -65.63 -34.34 22.29
N ALA A 278 -66.81 -34.83 21.91
CA ALA A 278 -66.95 -35.48 20.61
C ALA A 278 -66.93 -34.46 19.47
N GLN A 279 -67.64 -33.34 19.64
CA GLN A 279 -67.66 -32.28 18.61
C GLN A 279 -66.33 -31.52 18.66
N ALA A 280 -65.30 -32.16 18.11
CA ALA A 280 -63.96 -31.58 18.14
C ALA A 280 -63.83 -30.40 17.18
N ARG A 281 -64.56 -30.42 16.06
CA ARG A 281 -64.41 -29.36 15.07
C ARG A 281 -65.10 -28.06 15.47
N LYS A 282 -66.10 -28.14 16.37
CA LYS A 282 -66.90 -26.97 16.70
C LYS A 282 -66.22 -26.02 17.68
N ILE A 283 -65.16 -26.45 18.36
CA ILE A 283 -64.60 -25.71 19.49
C ILE A 283 -63.44 -24.86 19.04
N LEU A 284 -63.40 -23.61 19.49
CA LEU A 284 -62.26 -22.72 19.33
C LEU A 284 -61.65 -22.46 20.70
N PHE A 285 -60.31 -22.35 20.74
CA PHE A 285 -59.59 -22.12 21.97
C PHE A 285 -58.78 -20.83 21.88
N VAL A 286 -58.67 -20.13 23.00
CA VAL A 286 -57.83 -18.95 23.13
C VAL A 286 -56.95 -19.12 24.36
N ILE A 287 -55.64 -18.98 24.17
CA ILE A 287 -54.65 -19.16 25.23
C ILE A 287 -53.81 -17.89 25.31
N ASP A 288 -53.65 -17.36 26.51
CA ASP A 288 -52.86 -16.16 26.74
C ASP A 288 -51.72 -16.45 27.72
N GLY A 289 -50.60 -15.77 27.52
CA GLY A 289 -49.47 -15.85 28.43
C GLY A 289 -48.83 -17.22 28.53
N PHE A 290 -48.57 -17.86 27.39
CA PHE A 290 -47.99 -19.20 27.42
C PHE A 290 -46.59 -19.21 28.01
N ASP A 291 -45.79 -18.17 27.74
CA ASP A 291 -44.48 -18.08 28.34
C ASP A 291 -44.55 -17.93 29.86
N GLU A 292 -45.68 -17.41 30.37
CA GLU A 292 -45.85 -17.25 31.81
C GLU A 292 -46.19 -18.55 32.53
N LEU A 293 -46.39 -19.64 31.78
CA LEU A 293 -46.73 -20.92 32.40
C LEU A 293 -45.63 -21.40 33.34
N GLY A 294 -44.37 -21.31 32.90
CA GLY A 294 -43.26 -21.72 33.73
C GLY A 294 -42.92 -23.20 33.69
N ALA A 295 -43.53 -23.96 32.79
CA ALA A 295 -43.25 -25.39 32.71
C ALA A 295 -41.91 -25.66 32.02
N ALA A 296 -41.31 -26.80 32.35
CA ALA A 296 -40.05 -27.19 31.75
C ALA A 296 -40.26 -27.74 30.34
N PRO A 297 -39.30 -27.52 29.43
CA PRO A 297 -39.45 -28.11 28.08
C PRO A 297 -39.57 -29.63 28.09
N GLY A 298 -38.82 -30.30 28.98
CA GLY A 298 -38.90 -31.75 29.04
C GLY A 298 -40.29 -32.24 29.42
N ALA A 299 -40.92 -31.60 30.40
CA ALA A 299 -42.27 -31.98 30.80
C ALA A 299 -43.26 -31.77 29.67
N LEU A 300 -43.12 -30.68 28.91
CA LEU A 300 -44.03 -30.42 27.80
C LEU A 300 -43.85 -31.46 26.69
N ILE A 301 -42.61 -31.82 26.38
CA ILE A 301 -42.36 -32.69 25.23
C ILE A 301 -42.73 -34.14 25.53
N GLU A 302 -42.37 -34.64 26.71
CA GLU A 302 -42.41 -36.07 26.97
C GLU A 302 -43.81 -36.55 27.34
N ASP A 303 -44.00 -37.87 27.24
CA ASP A 303 -45.17 -38.57 27.75
C ASP A 303 -46.47 -38.06 27.12
N ILE A 304 -46.59 -38.27 25.80
CA ILE A 304 -47.79 -37.85 25.10
C ILE A 304 -48.96 -38.77 25.47
N CYS A 305 -50.17 -38.30 25.15
CA CYS A 305 -51.38 -39.06 25.42
C CYS A 305 -52.43 -38.71 24.38
N GLY A 306 -53.37 -39.64 24.18
CA GLY A 306 -54.44 -39.45 23.21
C GLY A 306 -55.86 -39.43 23.76
N ASP A 307 -56.04 -39.53 25.07
CA ASP A 307 -57.36 -39.53 25.68
C ASP A 307 -57.44 -38.45 26.74
N TRP A 308 -58.56 -37.73 26.75
CA TRP A 308 -58.76 -36.65 27.72
C TRP A 308 -59.00 -37.15 29.14
N GLU A 309 -59.44 -38.40 29.30
CA GLU A 309 -59.76 -38.92 30.62
C GLU A 309 -58.52 -39.21 31.45
N LYS A 310 -57.35 -39.28 30.82
CA LYS A 310 -56.13 -39.66 31.52
C LYS A 310 -55.77 -38.62 32.57
N LYS A 311 -55.30 -39.09 33.73
CA LYS A 311 -54.89 -38.22 34.82
C LYS A 311 -53.39 -37.98 34.75
N LYS A 312 -52.99 -36.75 34.47
CA LYS A 312 -51.59 -36.39 34.25
C LYS A 312 -51.36 -35.03 34.86
N PRO A 313 -50.09 -34.63 35.03
CA PRO A 313 -49.80 -33.24 35.41
C PRO A 313 -50.16 -32.26 34.30
N VAL A 314 -50.31 -30.99 34.69
CA VAL A 314 -50.81 -29.97 33.76
C VAL A 314 -49.91 -29.79 32.54
N PRO A 315 -48.57 -29.63 32.68
CA PRO A 315 -47.75 -29.44 31.47
C PRO A 315 -47.85 -30.59 30.48
N VAL A 316 -48.04 -31.82 30.96
CA VAL A 316 -48.23 -32.96 30.07
C VAL A 316 -49.45 -32.75 29.19
N LEU A 317 -50.57 -32.35 29.81
CA LEU A 317 -51.80 -32.13 29.06
C LEU A 317 -51.64 -30.96 28.08
N LEU A 318 -50.98 -29.89 28.51
CA LEU A 318 -50.79 -28.75 27.62
C LEU A 318 -49.93 -29.11 26.41
N GLY A 319 -48.86 -29.88 26.63
CA GLY A 319 -48.04 -30.33 25.51
C GLY A 319 -48.78 -31.28 24.59
N SER A 320 -49.60 -32.18 25.16
CA SER A 320 -50.37 -33.09 24.33
C SER A 320 -51.36 -32.35 23.46
N LEU A 321 -52.04 -31.36 24.02
CA LEU A 321 -52.97 -30.54 23.23
C LEU A 321 -52.22 -29.75 22.16
N LEU A 322 -51.06 -29.17 22.52
CA LEU A 322 -50.29 -28.41 21.55
C LEU A 322 -49.76 -29.30 20.43
N ASN A 323 -49.32 -30.51 20.76
CA ASN A 323 -48.77 -31.42 19.77
C ASN A 323 -49.84 -32.09 18.92
N ARG A 324 -51.11 -31.73 19.10
CA ARG A 324 -52.22 -32.23 18.29
C ARG A 324 -52.36 -33.74 18.36
N VAL A 325 -52.01 -34.33 19.51
CA VAL A 325 -52.22 -35.76 19.70
C VAL A 325 -53.67 -36.08 20.04
N MET A 326 -54.39 -35.14 20.63
CA MET A 326 -55.81 -35.33 20.97
C MET A 326 -56.59 -34.13 20.46
N LEU A 327 -57.85 -34.38 20.12
CA LEU A 327 -58.74 -33.38 19.55
C LEU A 327 -58.12 -32.71 18.31
N PRO A 328 -57.90 -33.46 17.24
CA PRO A 328 -57.23 -32.89 16.06
C PRO A 328 -58.09 -31.91 15.26
N LYS A 329 -59.39 -31.87 15.49
CA LYS A 329 -60.27 -31.00 14.71
C LYS A 329 -60.48 -29.62 15.35
N ALA A 330 -59.84 -29.35 16.48
CA ALA A 330 -59.99 -28.06 17.14
C ALA A 330 -58.96 -27.06 16.61
N ALA A 331 -59.28 -25.77 16.78
CA ALA A 331 -58.41 -24.67 16.39
C ALA A 331 -57.88 -23.98 17.64
N LEU A 332 -56.69 -23.40 17.54
CA LEU A 332 -56.02 -22.80 18.69
C LEU A 332 -55.39 -21.48 18.29
N LEU A 333 -55.45 -20.51 19.21
CA LEU A 333 -54.79 -19.22 19.06
C LEU A 333 -54.08 -18.91 20.37
N VAL A 334 -52.80 -18.56 20.28
CA VAL A 334 -51.97 -18.36 21.46
C VAL A 334 -51.14 -17.09 21.32
N THR A 335 -50.99 -16.38 22.43
CA THR A 335 -50.19 -15.16 22.49
C THR A 335 -49.08 -15.37 23.52
N THR A 336 -47.83 -15.11 23.12
CA THR A 336 -46.70 -15.39 23.99
C THR A 336 -45.51 -14.52 23.60
N ARG A 337 -44.53 -14.43 24.50
CA ARG A 337 -43.28 -13.75 24.22
C ARG A 337 -42.50 -14.50 23.14
N PRO A 338 -41.58 -13.81 22.46
CA PRO A 338 -40.84 -14.48 21.37
C PRO A 338 -39.99 -15.65 21.81
N ARG A 339 -39.64 -15.75 23.11
CA ARG A 339 -38.83 -16.88 23.56
C ARG A 339 -39.55 -18.20 23.37
N ALA A 340 -40.85 -18.24 23.63
CA ALA A 340 -41.63 -19.47 23.49
C ALA A 340 -41.85 -19.84 22.04
N LEU A 341 -41.52 -18.94 21.11
CA LEU A 341 -41.70 -19.22 19.68
C LEU A 341 -40.89 -20.44 19.24
N ARG A 342 -39.64 -20.54 19.69
CA ARG A 342 -38.83 -21.69 19.35
C ARG A 342 -39.42 -22.99 19.91
N ASP A 343 -39.87 -22.96 21.16
CA ASP A 343 -40.48 -24.14 21.76
C ASP A 343 -41.74 -24.54 21.00
N LEU A 344 -42.57 -23.57 20.63
CA LEU A 344 -43.80 -23.86 19.90
C LEU A 344 -43.51 -24.44 18.52
N ARG A 345 -42.56 -23.85 17.79
CA ARG A 345 -42.25 -24.33 16.45
C ARG A 345 -41.62 -25.72 16.51
N ILE A 346 -40.94 -26.06 17.61
CA ILE A 346 -40.47 -27.43 17.81
C ILE A 346 -41.66 -28.35 18.10
N LEU A 347 -42.59 -27.90 18.95
CA LEU A 347 -43.63 -28.80 19.46
C LEU A 347 -44.85 -28.85 18.54
N ALA A 348 -45.30 -27.69 18.04
CA ALA A 348 -46.56 -27.62 17.33
C ALA A 348 -46.39 -27.95 15.84
N GLU A 349 -47.50 -27.99 15.12
CA GLU A 349 -47.52 -28.30 13.70
C GLU A 349 -48.55 -27.42 13.01
N GLU A 350 -48.40 -27.28 11.69
CA GLU A 350 -49.24 -26.43 10.87
C GLU A 350 -49.34 -24.99 11.42
N PRO A 351 -48.19 -24.31 11.60
CA PRO A 351 -48.23 -22.99 12.26
C PRO A 351 -48.30 -21.82 11.31
N ILE A 352 -48.97 -20.75 11.74
CA ILE A 352 -48.96 -19.46 11.05
C ILE A 352 -48.62 -18.39 12.08
N TYR A 353 -47.62 -17.57 11.77
CA TYR A 353 -47.03 -16.65 12.74
C TYR A 353 -47.37 -15.22 12.37
N ILE A 354 -47.87 -14.46 13.34
CA ILE A 354 -48.31 -13.08 13.15
C ILE A 354 -47.61 -12.21 14.19
N ARG A 355 -47.11 -11.07 13.75
CA ARG A 355 -46.40 -10.14 14.63
C ARG A 355 -47.26 -8.91 14.91
N VAL A 356 -47.08 -8.35 16.10
CA VAL A 356 -47.80 -7.15 16.55
C VAL A 356 -46.79 -6.02 16.66
N GLU A 357 -47.15 -4.85 16.13
CA GLU A 357 -46.29 -3.67 16.13
C GLU A 357 -46.72 -2.62 17.13
N GLY A 358 -47.99 -2.21 17.10
CA GLY A 358 -48.51 -1.25 18.06
C GLY A 358 -49.00 0.05 17.47
N PHE A 359 -49.01 1.11 18.28
CA PHE A 359 -49.53 2.40 17.85
C PHE A 359 -48.63 3.04 16.80
N LEU A 360 -49.24 3.66 15.79
CA LEU A 360 -48.53 4.43 14.79
C LEU A 360 -48.42 5.90 15.23
N GLU A 361 -47.78 6.72 14.40
CA GLU A 361 -47.56 8.12 14.76
C GLU A 361 -48.88 8.88 14.89
N GLU A 362 -49.79 8.69 13.94
CA GLU A 362 -51.08 9.37 14.02
C GLU A 362 -51.88 8.90 15.23
N ASP A 363 -51.76 7.63 15.59
CA ASP A 363 -52.43 7.14 16.79
C ASP A 363 -51.90 7.84 18.03
N ARG A 364 -50.58 8.05 18.11
CA ARG A 364 -50.00 8.75 19.25
C ARG A 364 -50.46 10.20 19.29
N ARG A 365 -50.47 10.87 18.14
CA ARG A 365 -50.92 12.26 18.11
C ARG A 365 -52.38 12.38 18.55
N ALA A 366 -53.23 11.45 18.07
CA ALA A 366 -54.62 11.45 18.49
C ALA A 366 -54.76 11.17 19.97
N TYR A 367 -53.94 10.26 20.51
CA TYR A 367 -53.98 9.97 21.94
C TYR A 367 -53.63 11.21 22.75
N PHE A 368 -52.60 11.95 22.32
CA PHE A 368 -52.24 13.17 23.03
C PHE A 368 -53.34 14.23 22.92
N LEU A 369 -53.97 14.34 21.75
CA LEU A 369 -55.07 15.28 21.58
C LEU A 369 -56.23 14.93 22.52
N ARG A 370 -56.55 13.65 22.63
CA ARG A 370 -57.64 13.23 23.49
C ARG A 370 -57.32 13.40 24.96
N HIS A 371 -56.07 13.16 25.37
CA HIS A 371 -55.71 13.30 26.77
C HIS A 371 -55.65 14.76 27.19
N PHE A 372 -55.03 15.61 26.37
CA PHE A 372 -54.89 17.01 26.76
C PHE A 372 -56.15 17.82 26.45
N GLY A 373 -56.78 17.56 25.31
CA GLY A 373 -57.98 18.28 24.92
C GLY A 373 -57.75 19.62 24.26
N ASP A 374 -56.50 19.99 23.98
CA ASP A 374 -56.17 21.23 23.30
C ASP A 374 -55.19 20.94 22.18
N GLU A 375 -55.36 21.61 21.04
CA GLU A 375 -54.50 21.38 19.88
C GLU A 375 -53.06 21.78 20.18
N ASP A 376 -52.85 22.99 20.71
CA ASP A 376 -51.50 23.49 20.92
C ASP A 376 -50.76 22.67 21.97
N GLN A 377 -51.41 22.40 23.12
CA GLN A 377 -50.76 21.64 24.17
C GLN A 377 -50.47 20.20 23.73
N ALA A 378 -51.40 19.59 23.01
CA ALA A 378 -51.17 18.22 22.53
C ALA A 378 -50.02 18.19 21.53
N MET A 379 -49.94 19.17 20.63
CA MET A 379 -48.82 19.21 19.71
C MET A 379 -47.50 19.44 20.44
N ARG A 380 -47.50 20.30 21.45
CA ARG A 380 -46.30 20.52 22.24
C ARG A 380 -45.85 19.22 22.92
N ALA A 381 -46.79 18.50 23.53
CA ALA A 381 -46.45 17.25 24.19
C ALA A 381 -45.94 16.21 23.20
N PHE A 382 -46.56 16.13 22.01
CA PHE A 382 -46.10 15.18 21.01
C PHE A 382 -44.70 15.50 20.52
N GLU A 383 -44.44 16.77 20.21
CA GLU A 383 -43.12 17.14 19.69
C GLU A 383 -42.05 17.00 20.77
N LEU A 384 -42.43 17.07 22.06
CA LEU A 384 -41.49 16.71 23.11
C LEU A 384 -41.08 15.24 23.02
N MET A 385 -42.05 14.37 22.74
CA MET A 385 -41.76 12.93 22.64
C MET A 385 -40.89 12.62 21.43
N ARG A 386 -41.09 13.35 20.32
CA ARG A 386 -40.32 13.08 19.11
C ARG A 386 -38.85 13.43 19.30
N SER A 387 -38.52 14.22 20.33
CA SER A 387 -37.14 14.62 20.53
C SER A 387 -36.21 13.44 20.78
N ASN A 388 -36.64 12.46 21.57
CA ASN A 388 -35.82 11.32 21.93
C ASN A 388 -36.23 10.11 21.10
N ALA A 389 -35.29 9.55 20.33
CA ALA A 389 -35.62 8.46 19.43
C ALA A 389 -35.87 7.16 20.18
N ALA A 390 -35.07 6.87 21.22
CA ALA A 390 -35.26 5.64 21.98
C ALA A 390 -36.62 5.62 22.66
N LEU A 391 -37.01 6.75 23.27
CA LEU A 391 -38.33 6.85 23.87
C LEU A 391 -39.42 6.75 22.81
N PHE A 392 -39.22 7.42 21.68
CA PHE A 392 -40.24 7.43 20.62
C PHE A 392 -40.51 6.01 20.11
N GLN A 393 -39.46 5.22 19.93
CA GLN A 393 -39.64 3.82 19.56
C GLN A 393 -40.33 3.04 20.66
N LEU A 394 -39.97 3.30 21.92
CA LEU A 394 -40.58 2.59 23.05
C LEU A 394 -42.07 2.95 23.19
N GLY A 395 -42.49 4.07 22.61
CA GLY A 395 -43.86 4.53 22.68
C GLY A 395 -44.87 3.68 21.95
N SER A 396 -44.40 2.68 21.20
CA SER A 396 -45.31 1.83 20.44
C SER A 396 -46.33 1.14 21.33
N ALA A 397 -46.01 0.97 22.60
CA ALA A 397 -46.94 0.38 23.58
C ALA A 397 -47.87 1.45 24.12
N PRO A 398 -49.15 1.13 24.33
CA PRO A 398 -50.07 2.11 24.96
C PRO A 398 -49.62 2.56 26.33
N ALA A 399 -48.96 1.68 27.10
CA ALA A 399 -48.56 2.03 28.45
C ALA A 399 -47.54 3.16 28.47
N VAL A 400 -46.61 3.17 27.52
CA VAL A 400 -45.62 4.25 27.46
C VAL A 400 -46.31 5.55 27.06
N CYS A 401 -47.29 5.48 26.15
CA CYS A 401 -48.06 6.67 25.81
C CYS A 401 -48.79 7.23 27.02
N TRP A 402 -49.41 6.36 27.82
CA TRP A 402 -50.10 6.80 29.02
C TRP A 402 -49.14 7.44 30.01
N ILE A 403 -47.97 6.82 30.19
CA ILE A 403 -46.98 7.35 31.12
C ILE A 403 -46.51 8.73 30.66
N VAL A 404 -46.18 8.87 29.38
CA VAL A 404 -45.69 10.15 28.87
C VAL A 404 -46.77 11.22 28.97
N CYS A 405 -48.01 10.88 28.62
CA CYS A 405 -49.10 11.84 28.71
C CYS A 405 -49.27 12.34 30.14
N THR A 406 -49.34 11.40 31.10
CA THR A 406 -49.53 11.80 32.49
C THR A 406 -48.36 12.63 32.98
N THR A 407 -47.13 12.21 32.69
CA THR A 407 -45.96 12.91 33.19
C THR A 407 -45.87 14.32 32.62
N LEU A 408 -46.04 14.46 31.29
CA LEU A 408 -45.96 15.78 30.68
C LEU A 408 -47.10 16.68 31.14
N LYS A 409 -48.31 16.15 31.27
CA LYS A 409 -49.42 16.97 31.74
C LYS A 409 -49.16 17.49 33.14
N LEU A 410 -48.67 16.63 34.03
CA LEU A 410 -48.38 17.07 35.39
C LEU A 410 -47.25 18.10 35.40
N GLN A 411 -46.21 17.89 34.58
CA GLN A 411 -45.11 18.84 34.54
C GLN A 411 -45.57 20.20 34.00
N MET A 412 -46.39 20.20 32.95
CA MET A 412 -46.91 21.45 32.41
C MET A 412 -47.78 22.17 33.42
N GLU A 413 -48.65 21.45 34.12
CA GLU A 413 -49.51 22.08 35.11
C GLU A 413 -48.69 22.66 36.25
N LYS A 414 -47.71 21.91 36.73
CA LYS A 414 -46.85 22.41 37.81
C LYS A 414 -45.93 23.53 37.32
N GLY A 415 -45.43 23.42 36.09
CA GLY A 415 -44.52 24.41 35.56
C GLY A 415 -43.08 23.95 35.38
N GLU A 416 -42.84 22.63 35.35
CA GLU A 416 -41.50 22.11 35.18
C GLU A 416 -41.14 21.98 33.70
N ASP A 417 -39.87 22.15 33.40
CA ASP A 417 -39.42 22.07 32.00
C ASP A 417 -39.44 20.62 31.53
N PRO A 418 -40.18 20.29 30.47
CA PRO A 418 -40.28 18.89 30.05
C PRO A 418 -39.10 18.38 29.25
N VAL A 419 -38.31 19.27 28.62
CA VAL A 419 -37.20 18.82 27.77
C VAL A 419 -36.14 18.03 28.53
N PRO A 420 -35.66 18.44 29.72
CA PRO A 420 -34.65 17.62 30.40
C PRO A 420 -35.15 16.24 30.75
N THR A 421 -36.43 16.10 31.11
CA THR A 421 -36.99 14.78 31.34
C THR A 421 -37.04 13.98 30.05
N CYS A 422 -37.46 14.62 28.96
CA CYS A 422 -37.56 13.91 27.68
C CYS A 422 -36.19 13.59 27.08
N LEU A 423 -35.11 14.14 27.64
CA LEU A 423 -33.78 13.85 27.11
C LEU A 423 -33.45 12.36 27.17
N THR A 424 -33.63 11.74 28.35
CA THR A 424 -33.32 10.33 28.55
C THR A 424 -34.51 9.62 29.17
N ARG A 425 -34.70 8.36 28.77
CA ARG A 425 -35.90 7.62 29.20
C ARG A 425 -35.83 7.22 30.67
N THR A 426 -34.63 7.09 31.22
CA THR A 426 -34.51 6.79 32.65
C THR A 426 -35.14 7.87 33.51
N GLY A 427 -34.89 9.14 33.17
CA GLY A 427 -35.51 10.23 33.91
C GLY A 427 -37.02 10.22 33.80
N LEU A 428 -37.55 9.89 32.62
CA LEU A 428 -39.00 9.83 32.46
C LEU A 428 -39.60 8.73 33.32
N PHE A 429 -39.03 7.52 33.28
CA PHE A 429 -39.56 6.43 34.08
C PHE A 429 -39.46 6.75 35.57
N LEU A 430 -38.34 7.33 36.00
CA LEU A 430 -38.18 7.68 37.40
C LEU A 430 -39.20 8.72 37.83
N ARG A 431 -39.44 9.74 36.98
CA ARG A 431 -40.43 10.75 37.30
C ARG A 431 -41.84 10.15 37.39
N PHE A 432 -42.16 9.23 36.49
CA PHE A 432 -43.47 8.58 36.54
C PHE A 432 -43.63 7.76 37.81
N LEU A 433 -42.61 7.01 38.19
CA LEU A 433 -42.67 6.24 39.43
C LEU A 433 -42.82 7.15 40.64
N CYS A 434 -42.08 8.25 40.68
CA CYS A 434 -42.15 9.16 41.82
C CYS A 434 -43.52 9.83 41.92
N SER A 435 -44.10 10.23 40.78
CA SER A 435 -45.38 10.91 40.81
C SER A 435 -46.52 9.95 41.09
N ARG A 436 -46.41 8.71 40.62
CA ARG A 436 -47.55 7.80 40.68
C ARG A 436 -47.81 7.28 42.09
N PHE A 437 -46.77 7.06 42.88
CA PHE A 437 -46.98 6.49 44.22
C PHE A 437 -47.50 7.56 45.17
N PRO A 438 -48.53 7.26 45.96
CA PRO A 438 -49.04 8.25 46.93
C PRO A 438 -48.07 8.46 48.08
N GLN A 439 -48.38 9.46 48.90
CA GLN A 439 -47.56 9.78 50.06
C GLN A 439 -47.87 8.85 51.22
N GLY A 440 -46.95 8.82 52.19
CA GLY A 440 -47.13 7.98 53.36
C GLY A 440 -45.86 7.80 54.18
N ALA A 441 -45.70 6.62 54.76
CA ALA A 441 -44.53 6.30 55.56
C ALA A 441 -44.05 4.89 55.24
N GLN A 442 -42.83 4.59 55.67
CA GLN A 442 -42.16 3.30 55.49
C GLN A 442 -42.39 2.69 54.11
N LEU A 443 -42.30 3.51 53.06
CA LEU A 443 -42.45 3.01 51.70
C LEU A 443 -41.25 2.14 51.30
N ARG A 444 -40.17 2.18 52.08
CA ARG A 444 -38.96 1.45 51.73
C ARG A 444 -39.18 -0.06 51.66
N GLY A 445 -39.93 -0.61 52.62
CA GLY A 445 -40.21 -2.04 52.58
C GLY A 445 -41.04 -2.44 51.38
N ALA A 446 -42.06 -1.65 51.06
CA ALA A 446 -42.87 -1.92 49.89
C ALA A 446 -42.03 -1.86 48.61
N LEU A 447 -41.17 -0.84 48.50
CA LEU A 447 -40.32 -0.73 47.32
C LEU A 447 -39.36 -1.91 47.22
N ARG A 448 -38.79 -2.33 48.35
CA ARG A 448 -37.89 -3.48 48.34
C ARG A 448 -38.60 -4.75 47.91
N THR A 449 -39.83 -4.97 48.41
CA THR A 449 -40.59 -6.14 48.00
C THR A 449 -40.91 -6.10 46.52
N LEU A 450 -41.30 -4.93 46.01
CA LEU A 450 -41.58 -4.80 44.59
C LEU A 450 -40.33 -5.07 43.75
N SER A 451 -39.19 -4.56 44.19
CA SER A 451 -37.94 -4.78 43.47
C SER A 451 -37.55 -6.25 43.48
N LEU A 452 -37.70 -6.92 44.63
CA LEU A 452 -37.42 -8.34 44.72
C LEU A 452 -38.32 -9.15 43.80
N LEU A 453 -39.62 -8.83 43.78
CA LEU A 453 -40.55 -9.52 42.89
C LEU A 453 -40.16 -9.32 41.44
N ALA A 454 -39.80 -8.09 41.07
CA ALA A 454 -39.41 -7.80 39.70
C ALA A 454 -38.17 -8.59 39.32
N ALA A 455 -37.16 -8.62 40.20
CA ALA A 455 -35.93 -9.34 39.90
C ALA A 455 -36.17 -10.84 39.78
N GLN A 456 -36.96 -11.41 40.69
CA GLN A 456 -37.26 -12.84 40.62
C GLN A 456 -38.00 -13.18 39.33
N GLY A 457 -39.01 -12.38 38.97
CA GLY A 457 -39.71 -12.62 37.73
C GLY A 457 -38.82 -12.50 36.51
N LEU A 458 -37.94 -11.50 36.52
CA LEU A 458 -37.06 -11.29 35.37
C LEU A 458 -36.08 -12.44 35.20
N TRP A 459 -35.54 -12.95 36.31
CA TRP A 459 -34.58 -14.05 36.21
C TRP A 459 -35.23 -15.28 35.59
N ALA A 460 -36.47 -15.59 35.99
CA ALA A 460 -37.21 -16.68 35.38
C ALA A 460 -37.88 -16.29 34.09
N GLN A 461 -37.71 -15.04 33.64
CA GLN A 461 -38.33 -14.53 32.41
C GLN A 461 -39.85 -14.60 32.48
N THR A 462 -40.39 -14.10 33.59
CA THR A 462 -41.83 -14.03 33.81
C THR A 462 -42.18 -12.66 34.36
N SER A 463 -43.44 -12.26 34.19
CA SER A 463 -43.91 -10.96 34.64
C SER A 463 -45.26 -11.05 35.34
N VAL A 464 -45.67 -12.24 35.76
CA VAL A 464 -46.95 -12.46 36.42
C VAL A 464 -46.70 -13.09 37.79
N LEU A 465 -47.43 -12.62 38.79
CA LEU A 465 -47.30 -13.09 40.16
C LEU A 465 -48.56 -13.84 40.58
N HIS A 466 -48.39 -14.79 41.49
CA HIS A 466 -49.49 -15.60 42.00
C HIS A 466 -49.67 -15.34 43.49
N ARG A 467 -50.90 -15.53 43.97
CA ARG A 467 -51.17 -15.27 45.37
C ARG A 467 -50.50 -16.28 46.29
N GLU A 468 -50.34 -17.53 45.84
CA GLU A 468 -49.75 -18.56 46.67
C GLU A 468 -48.30 -18.23 47.01
N ASP A 469 -47.52 -17.84 45.99
CA ASP A 469 -46.13 -17.47 46.23
C ASP A 469 -46.02 -16.21 47.06
N LEU A 470 -46.94 -15.26 46.85
CA LEU A 470 -46.96 -14.04 47.65
C LEU A 470 -47.22 -14.35 49.12
N GLU A 471 -48.12 -15.28 49.40
CA GLU A 471 -48.40 -15.69 50.78
C GLU A 471 -47.22 -16.45 51.37
N ARG A 472 -46.60 -17.32 50.59
CA ARG A 472 -45.48 -18.10 51.10
C ARG A 472 -44.29 -17.21 51.42
N LEU A 473 -44.07 -16.15 50.62
CA LEU A 473 -43.00 -15.21 50.93
C LEU A 473 -43.37 -14.31 52.10
N GLY A 474 -44.66 -14.14 52.38
CA GLY A 474 -45.09 -13.35 53.51
C GLY A 474 -45.37 -11.90 53.16
N VAL A 475 -46.04 -11.68 52.03
CA VAL A 475 -46.37 -10.32 51.59
C VAL A 475 -47.55 -9.81 52.41
N GLN A 476 -47.61 -8.49 52.57
CA GLN A 476 -48.74 -7.87 53.24
C GLN A 476 -49.85 -7.57 52.25
N GLU A 477 -51.09 -7.71 52.71
CA GLU A 477 -52.24 -7.31 51.89
C GLU A 477 -52.23 -5.80 51.64
N SER A 478 -51.77 -5.03 52.62
CA SER A 478 -51.73 -3.57 52.47
C SER A 478 -50.79 -3.16 51.35
N ASP A 479 -49.62 -3.79 51.26
CA ASP A 479 -48.66 -3.46 50.21
C ASP A 479 -49.24 -3.81 48.83
N LEU A 480 -49.91 -4.96 48.73
CA LEU A 480 -50.55 -5.34 47.49
C LEU A 480 -51.61 -4.32 47.08
N ARG A 481 -52.41 -3.86 48.03
CA ARG A 481 -53.43 -2.86 47.72
C ARG A 481 -52.79 -1.54 47.30
N LEU A 482 -51.70 -1.14 47.97
CA LEU A 482 -51.02 0.09 47.60
C LEU A 482 -50.47 0.01 46.17
N PHE A 483 -49.89 -1.12 45.81
CA PHE A 483 -49.44 -1.31 44.44
C PHE A 483 -50.60 -1.29 43.46
N LEU A 484 -51.75 -1.85 43.86
CA LEU A 484 -52.90 -1.93 42.98
C LEU A 484 -53.54 -0.57 42.72
N ASP A 485 -53.60 0.29 43.73
CA ASP A 485 -54.31 1.56 43.56
C ASP A 485 -53.56 2.50 42.61
N GLY A 486 -52.23 2.40 42.56
CA GLY A 486 -51.42 3.23 41.70
C GLY A 486 -51.23 2.75 40.28
N ASP A 487 -51.91 1.65 39.89
CA ASP A 487 -51.83 1.06 38.56
C ASP A 487 -50.42 0.58 38.21
N ILE A 488 -49.54 0.41 39.20
CA ILE A 488 -48.22 -0.16 38.94
C ILE A 488 -48.34 -1.63 38.54
N LEU A 489 -49.18 -2.38 39.26
CA LEU A 489 -49.54 -3.75 38.88
C LEU A 489 -51.05 -3.86 38.90
N ARG A 490 -51.59 -4.71 38.02
CA ARG A 490 -53.02 -4.76 37.73
C ARG A 490 -53.58 -6.16 37.93
N GLN A 491 -54.85 -6.24 38.31
CA GLN A 491 -55.55 -7.48 38.58
C GLN A 491 -56.63 -7.72 37.54
N ASP A 492 -56.74 -8.96 37.08
CA ASP A 492 -57.67 -9.33 36.02
C ASP A 492 -58.77 -10.22 36.59
N ARG A 493 -60.02 -9.85 36.31
CA ARG A 493 -61.15 -10.59 36.83
C ARG A 493 -61.23 -12.00 36.27
N VAL A 494 -61.04 -12.15 34.95
CA VAL A 494 -61.10 -13.46 34.32
C VAL A 494 -59.96 -14.34 34.82
N SER A 495 -58.74 -13.81 34.84
CA SER A 495 -57.60 -14.47 35.45
C SER A 495 -57.54 -14.09 36.93
N LYS A 496 -58.56 -14.54 37.66
CA LYS A 496 -58.77 -14.11 39.04
C LYS A 496 -57.58 -14.50 39.92
N GLY A 497 -57.25 -13.62 40.85
CA GLY A 497 -56.14 -13.81 41.75
C GLY A 497 -54.77 -13.87 41.07
N CYS A 498 -54.56 -13.00 40.09
CA CYS A 498 -53.30 -12.88 39.38
C CYS A 498 -52.97 -11.40 39.17
N TYR A 499 -51.70 -11.07 39.27
CA TYR A 499 -51.23 -9.69 39.14
C TYR A 499 -50.11 -9.62 38.11
N SER A 500 -50.15 -8.59 37.26
CA SER A 500 -49.15 -8.39 36.24
C SER A 500 -48.61 -6.97 36.32
N PHE A 501 -47.42 -6.78 35.77
CA PHE A 501 -46.72 -5.50 35.78
C PHE A 501 -47.19 -4.65 34.61
N ILE A 502 -47.09 -3.33 34.77
CA ILE A 502 -47.61 -2.41 33.75
C ILE A 502 -46.85 -2.58 32.43
N HIS A 503 -45.53 -2.75 32.48
CA HIS A 503 -44.74 -2.97 31.29
C HIS A 503 -43.40 -3.58 31.67
N LEU A 504 -42.88 -4.45 30.79
CA LEU A 504 -41.60 -5.10 31.05
C LEU A 504 -40.48 -4.08 31.14
N SER A 505 -40.61 -2.94 30.45
CA SER A 505 -39.62 -1.88 30.60
C SER A 505 -39.58 -1.38 32.04
N PHE A 506 -40.75 -1.21 32.65
CA PHE A 506 -40.81 -0.81 34.05
C PHE A 506 -40.23 -1.90 34.96
N GLN A 507 -40.47 -3.17 34.63
CA GLN A 507 -39.91 -4.26 35.43
C GLN A 507 -38.39 -4.29 35.34
N GLN A 508 -37.84 -4.06 34.16
CA GLN A 508 -36.39 -3.99 34.00
C GLN A 508 -35.81 -2.81 34.77
N PHE A 509 -36.50 -1.67 34.74
CA PHE A 509 -36.08 -0.52 35.54
C PHE A 509 -36.05 -0.88 37.02
N LEU A 510 -37.09 -1.57 37.50
CA LEU A 510 -37.15 -1.96 38.89
C LEU A 510 -36.09 -3.00 39.25
N THR A 511 -35.73 -3.88 38.32
CA THR A 511 -34.69 -4.86 38.58
C THR A 511 -33.33 -4.19 38.72
N ALA A 512 -33.02 -3.26 37.81
CA ALA A 512 -31.81 -2.47 37.96
C ALA A 512 -31.82 -1.67 39.25
N LEU A 513 -32.99 -1.19 39.65
CA LEU A 513 -33.11 -0.50 40.93
C LEU A 513 -32.82 -1.44 42.09
N PHE A 514 -33.33 -2.67 42.02
CA PHE A 514 -33.08 -3.66 43.06
C PHE A 514 -31.59 -3.92 43.23
N TYR A 515 -30.89 -4.18 42.12
CA TYR A 515 -29.45 -4.37 42.23
C TYR A 515 -28.75 -3.11 42.73
N THR A 516 -29.26 -1.94 42.35
CA THR A 516 -28.66 -0.69 42.83
C THR A 516 -28.84 -0.50 44.33
N LEU A 517 -29.88 -1.10 44.91
CA LEU A 517 -30.16 -0.94 46.32
C LEU A 517 -29.07 -1.58 47.17
N GLU A 518 -28.88 -1.05 48.38
CA GLU A 518 -27.93 -1.62 49.32
C GLU A 518 -28.55 -2.85 49.98
N LYS A 519 -27.76 -3.93 50.06
CA LYS A 519 -28.30 -5.20 50.52
C LYS A 519 -28.17 -5.35 52.03
N THR A 529 -35.26 -18.81 50.22
CA THR A 529 -34.27 -19.10 49.18
C THR A 529 -34.75 -18.57 47.83
N TRP A 530 -33.89 -17.80 47.17
CA TRP A 530 -34.21 -17.18 45.89
C TRP A 530 -33.14 -17.55 44.86
N ASP A 531 -33.53 -17.51 43.59
CA ASP A 531 -32.64 -17.80 42.48
C ASP A 531 -31.98 -16.55 41.90
N ILE A 532 -31.77 -15.53 42.73
CA ILE A 532 -31.20 -14.27 42.27
C ILE A 532 -29.67 -14.42 42.19
N GLY A 533 -29.11 -14.13 41.03
CA GLY A 533 -27.67 -14.09 40.86
C GLY A 533 -27.06 -12.85 41.49
N ASP A 534 -25.91 -12.47 40.95
CA ASP A 534 -25.22 -11.25 41.37
C ASP A 534 -25.06 -10.28 40.20
N VAL A 535 -24.47 -9.13 40.50
CA VAL A 535 -24.32 -8.07 39.50
C VAL A 535 -23.46 -8.55 38.34
N GLN A 536 -22.31 -9.15 38.66
CA GLN A 536 -21.41 -9.62 37.60
C GLN A 536 -22.07 -10.71 36.77
N LYS A 537 -22.96 -11.50 37.36
CA LYS A 537 -23.69 -12.50 36.60
C LYS A 537 -24.56 -11.84 35.52
N LEU A 538 -25.26 -10.76 35.88
CA LEU A 538 -26.05 -10.02 34.91
C LEU A 538 -25.16 -9.37 33.86
N LEU A 539 -24.02 -8.82 34.28
CA LEU A 539 -23.11 -8.17 33.34
C LEU A 539 -22.32 -9.17 32.51
N SER A 540 -22.21 -10.42 32.97
CA SER A 540 -21.49 -11.44 32.22
C SER A 540 -22.15 -11.68 30.87
N GLY A 541 -21.32 -11.77 29.81
CA GLY A 541 -21.85 -11.96 28.47
C GLY A 541 -22.57 -13.28 28.28
N VAL A 542 -22.10 -14.35 28.93
CA VAL A 542 -22.75 -15.65 28.79
C VAL A 542 -24.18 -15.59 29.27
N GLU A 543 -24.43 -14.91 30.39
CA GLU A 543 -25.80 -14.76 30.87
C GLU A 543 -26.60 -13.82 29.98
N ARG A 544 -25.94 -12.82 29.38
CA ARG A 544 -26.62 -12.01 28.37
C ARG A 544 -27.14 -12.88 27.24
N LEU A 545 -26.34 -13.86 26.83
CA LEU A 545 -26.81 -14.83 25.84
C LEU A 545 -27.91 -15.72 26.41
N ARG A 546 -27.84 -16.04 27.69
CA ARG A 546 -28.88 -16.86 28.32
C ARG A 546 -30.20 -16.11 28.41
N ASN A 547 -30.17 -14.88 28.90
CA ASN A 547 -31.37 -14.06 29.08
C ASN A 547 -31.23 -12.79 28.24
N PRO A 548 -31.95 -12.68 27.13
CA PRO A 548 -31.87 -11.45 26.32
C PRO A 548 -32.32 -10.20 27.07
N ASP A 549 -33.13 -10.35 28.12
CA ASP A 549 -33.65 -9.20 28.83
C ASP A 549 -32.58 -8.45 29.61
N LEU A 550 -31.43 -9.09 29.85
CA LEU A 550 -30.44 -8.51 30.75
C LEU A 550 -29.72 -7.31 30.13
N ILE A 551 -29.67 -7.21 28.79
CA ILE A 551 -28.96 -6.10 28.17
C ILE A 551 -29.66 -4.78 28.46
N GLN A 552 -30.98 -4.75 28.33
CA GLN A 552 -31.73 -3.56 28.72
C GLN A 552 -31.56 -3.27 30.20
N ALA A 553 -31.51 -4.33 31.01
CA ALA A 553 -31.17 -4.16 32.42
C ALA A 553 -29.80 -3.53 32.58
N GLY A 554 -28.86 -3.84 31.69
CA GLY A 554 -27.56 -3.20 31.73
C GLY A 554 -27.65 -1.72 31.42
N TYR A 555 -28.45 -1.36 30.41
CA TYR A 555 -28.66 0.05 30.09
C TYR A 555 -29.25 0.81 31.27
N TYR A 556 -30.29 0.24 31.89
CA TYR A 556 -30.93 0.92 33.01
C TYR A 556 -30.03 0.97 34.23
N SER A 557 -29.18 -0.05 34.44
CA SER A 557 -28.23 -0.01 35.53
C SER A 557 -27.18 1.05 35.32
N PHE A 558 -26.69 1.19 34.09
CA PHE A 558 -25.78 2.29 33.78
C PHE A 558 -26.45 3.63 34.01
N GLY A 559 -27.71 3.76 33.60
CA GLY A 559 -28.42 5.01 33.80
C GLY A 559 -28.61 5.34 35.27
N LEU A 560 -28.94 4.34 36.09
CA LEU A 560 -29.18 4.56 37.50
C LEU A 560 -27.92 4.96 38.25
N ALA A 561 -26.74 4.83 37.63
CA ALA A 561 -25.51 5.29 38.24
C ALA A 561 -25.45 6.81 38.36
N ASN A 562 -26.34 7.54 37.68
CA ASN A 562 -26.34 8.99 37.76
C ASN A 562 -26.61 9.45 39.19
N GLU A 563 -25.82 10.43 39.65
CA GLU A 563 -25.91 10.87 41.04
C GLU A 563 -27.22 11.58 41.33
N LYS A 564 -27.69 12.44 40.41
CA LYS A 564 -28.89 13.22 40.67
C LYS A 564 -30.11 12.32 40.81
N ARG A 565 -30.22 11.30 39.95
CA ARG A 565 -31.35 10.38 40.04
C ARG A 565 -31.32 9.60 41.34
N ALA A 566 -30.13 9.17 41.77
CA ALA A 566 -30.01 8.46 43.04
C ALA A 566 -30.44 9.35 44.21
N LYS A 567 -30.02 10.61 44.21
CA LYS A 567 -30.42 11.52 45.27
C LYS A 567 -31.92 11.75 45.27
N GLU A 568 -32.52 11.93 44.09
CA GLU A 568 -33.95 12.12 44.02
C GLU A 568 -34.71 10.91 44.53
N LEU A 569 -34.27 9.71 44.14
CA LEU A 569 -34.93 8.49 44.57
C LEU A 569 -34.82 8.28 46.07
N GLU A 570 -33.64 8.56 46.64
CA GLU A 570 -33.49 8.47 48.09
C GLU A 570 -34.37 9.49 48.80
N ALA A 571 -34.53 10.68 48.21
CA ALA A 571 -35.40 11.68 48.81
C ALA A 571 -36.86 11.22 48.82
N THR A 572 -37.33 10.64 47.71
CA THR A 572 -38.75 10.32 47.63
C THR A 572 -39.09 9.02 48.37
N PHE A 573 -38.38 7.92 48.05
CA PHE A 573 -38.76 6.62 48.60
C PHE A 573 -38.02 6.27 49.88
N GLY A 574 -36.97 7.01 50.23
CA GLY A 574 -36.28 6.79 51.49
C GLY A 574 -35.27 5.67 51.50
N CYS A 575 -34.99 5.06 50.35
CA CYS A 575 -34.04 3.96 50.29
C CYS A 575 -32.60 4.47 50.35
N ARG A 576 -31.65 3.52 50.30
CA ARG A 576 -30.24 3.81 50.37
C ARG A 576 -29.50 3.08 49.26
N MET A 577 -28.41 3.68 48.77
CA MET A 577 -27.63 3.14 47.67
C MET A 577 -26.20 2.84 48.09
N SER A 578 -25.62 1.80 47.50
CA SER A 578 -24.28 1.32 47.78
C SER A 578 -23.31 1.70 46.66
N PRO A 579 -22.08 2.06 47.01
CA PRO A 579 -21.11 2.46 45.97
C PRO A 579 -20.46 1.28 45.27
N ASP A 580 -20.44 0.11 45.93
CA ASP A 580 -19.75 -1.04 45.36
C ASP A 580 -20.35 -1.45 44.03
N ILE A 581 -21.68 -1.39 43.90
CA ILE A 581 -22.32 -1.73 42.64
C ILE A 581 -21.84 -0.81 41.53
N LYS A 582 -21.56 0.45 41.85
CA LYS A 582 -20.98 1.35 40.87
C LYS A 582 -19.56 0.94 40.51
N GLN A 583 -18.79 0.44 41.48
CA GLN A 583 -17.45 -0.04 41.19
C GLN A 583 -17.48 -1.29 40.33
N GLU A 584 -18.57 -2.08 40.41
CA GLU A 584 -18.69 -3.26 39.56
C GLU A 584 -18.68 -2.86 38.09
N LEU A 585 -19.25 -1.71 37.77
CA LEU A 585 -19.27 -1.23 36.39
C LEU A 585 -17.85 -1.03 35.86
N LEU A 586 -16.98 -0.42 36.67
CA LEU A 586 -15.58 -0.27 36.25
C LEU A 586 -14.85 -1.61 36.29
N ARG A 587 -15.25 -2.50 37.20
CA ARG A 587 -14.62 -3.81 37.29
C ARG A 587 -14.80 -4.59 35.99
N CYS A 588 -16.02 -4.54 35.42
CA CYS A 588 -16.21 -5.15 34.11
C CYS A 588 -15.84 -4.18 32.99
N ASP A 589 -16.31 -2.94 33.07
CA ASP A 589 -15.96 -1.85 32.15
C ASP A 589 -16.47 -2.07 30.73
N ILE A 590 -17.09 -3.23 30.48
CA ILE A 590 -17.44 -3.66 29.14
C ILE A 590 -16.22 -3.49 28.24
N SER A 591 -15.08 -4.02 28.70
CA SER A 591 -13.78 -3.83 28.08
C SER A 591 -13.84 -3.95 26.57
N CYS A 592 -13.40 -2.89 25.89
CA CYS A 592 -13.50 -2.79 24.44
C CYS A 592 -12.20 -2.39 23.75
N LYS A 593 -11.17 -2.00 24.49
CA LYS A 593 -9.92 -1.57 23.88
C LYS A 593 -9.26 -2.69 23.07
N GLY A 594 -9.56 -3.94 23.40
CA GLY A 594 -8.98 -5.04 22.67
C GLY A 594 -9.48 -5.14 21.24
N GLY A 595 -8.68 -5.79 20.40
CA GLY A 595 -9.04 -5.94 19.00
C GLY A 595 -10.13 -6.96 18.73
N HIS A 596 -10.47 -7.79 19.70
CA HIS A 596 -11.56 -8.75 19.54
C HIS A 596 -12.93 -8.09 19.58
N SER A 597 -13.02 -6.83 20.00
CA SER A 597 -14.30 -6.14 20.06
C SER A 597 -14.81 -5.83 18.65
N THR A 598 -16.12 -5.82 18.51
CA THR A 598 -16.76 -5.50 17.23
C THR A 598 -17.29 -4.07 17.26
N VAL A 599 -17.88 -3.64 16.15
CA VAL A 599 -18.45 -2.29 16.08
C VAL A 599 -19.66 -2.17 17.00
N THR A 600 -20.48 -3.23 17.08
CA THR A 600 -21.66 -3.18 17.93
C THR A 600 -21.29 -3.08 19.40
N ASP A 601 -20.17 -3.68 19.82
CA ASP A 601 -19.74 -3.56 21.21
C ASP A 601 -19.40 -2.11 21.55
N LEU A 602 -18.67 -1.43 20.66
CA LEU A 602 -18.35 -0.02 20.89
C LEU A 602 -19.60 0.83 20.87
N GLN A 603 -20.53 0.54 19.96
CA GLN A 603 -21.78 1.29 19.92
C GLN A 603 -22.58 1.11 21.21
N GLU A 604 -22.64 -0.12 21.73
CA GLU A 604 -23.33 -0.37 22.99
C GLU A 604 -22.66 0.37 24.14
N LEU A 605 -21.33 0.36 24.19
CA LEU A 605 -20.62 1.07 25.24
C LEU A 605 -20.88 2.56 25.18
N LEU A 606 -20.86 3.14 23.97
CA LEU A 606 -21.14 4.57 23.83
C LEU A 606 -22.58 4.88 24.23
N GLY A 607 -23.53 4.03 23.84
CA GLY A 607 -24.91 4.27 24.22
C GLY A 607 -25.13 4.20 25.72
N CYS A 608 -24.52 3.22 26.37
CA CYS A 608 -24.62 3.11 27.83
C CYS A 608 -23.99 4.31 28.52
N LEU A 609 -22.81 4.74 28.06
CA LEU A 609 -22.17 5.90 28.66
C LEU A 609 -22.98 7.17 28.46
N TYR A 610 -23.61 7.34 27.28
CA TYR A 610 -24.48 8.48 27.06
C TYR A 610 -25.71 8.42 27.97
N GLU A 611 -26.29 7.24 28.14
CA GLU A 611 -27.42 7.07 29.05
C GLU A 611 -27.01 7.39 30.49
N SER A 612 -25.73 7.18 30.84
CA SER A 612 -25.27 7.50 32.18
C SER A 612 -25.39 8.99 32.49
N GLN A 613 -25.05 9.84 31.52
CA GLN A 613 -25.10 11.30 31.70
C GLN A 613 -24.22 11.76 32.86
N GLU A 614 -23.08 11.09 33.05
CA GLU A 614 -22.11 11.45 34.05
C GLU A 614 -20.74 11.53 33.40
N GLU A 615 -20.01 12.62 33.67
CA GLU A 615 -18.73 12.82 32.98
C GLU A 615 -17.62 11.93 33.53
N GLU A 616 -17.62 11.67 34.83
CA GLU A 616 -16.52 10.93 35.44
C GLU A 616 -16.44 9.50 34.93
N LEU A 617 -17.59 8.81 34.85
CA LEU A 617 -17.58 7.44 34.37
C LEU A 617 -17.12 7.36 32.92
N VAL A 618 -17.56 8.30 32.08
CA VAL A 618 -17.14 8.30 30.69
C VAL A 618 -15.64 8.57 30.58
N LYS A 619 -15.12 9.49 31.40
CA LYS A 619 -13.69 9.76 31.41
C LYS A 619 -12.91 8.51 31.78
N GLU A 620 -13.32 7.84 32.85
CA GLU A 620 -12.53 6.71 33.36
C GLU A 620 -12.60 5.51 32.41
N VAL A 621 -13.75 5.28 31.78
CA VAL A 621 -13.84 4.19 30.81
C VAL A 621 -13.05 4.53 29.54
N MET A 622 -13.12 5.78 29.08
CA MET A 622 -12.55 6.13 27.79
C MET A 622 -11.04 6.29 27.84
N ALA A 623 -10.45 6.34 29.04
CA ALA A 623 -9.01 6.47 29.15
C ALA A 623 -8.27 5.23 28.65
N GLN A 624 -8.95 4.10 28.43
CA GLN A 624 -8.29 2.88 28.00
C GLN A 624 -7.95 2.88 26.51
N PHE A 625 -8.60 3.71 25.70
CA PHE A 625 -8.46 3.62 24.26
C PHE A 625 -7.16 4.24 23.78
N LYS A 626 -6.40 3.46 23.02
CA LYS A 626 -5.23 3.97 22.30
C LYS A 626 -5.50 4.23 20.84
N GLU A 627 -6.48 3.53 20.26
CA GLU A 627 -6.96 3.80 18.92
C GLU A 627 -8.48 3.75 18.94
N ILE A 628 -9.11 4.45 18.00
CA ILE A 628 -10.56 4.57 17.96
C ILE A 628 -11.01 4.43 16.52
N SER A 629 -12.28 4.05 16.34
CA SER A 629 -12.87 3.92 15.01
C SER A 629 -14.37 4.11 15.15
N LEU A 630 -14.90 5.14 14.50
CA LEU A 630 -16.29 5.53 14.65
C LEU A 630 -17.01 5.39 13.32
N HIS A 631 -18.20 4.78 13.35
CA HIS A 631 -19.12 4.76 12.23
C HIS A 631 -20.40 5.46 12.69
N LEU A 632 -20.81 6.50 11.98
CA LEU A 632 -21.82 7.42 12.48
C LEU A 632 -22.99 7.53 11.52
N ASN A 633 -24.20 7.41 12.06
CA ASN A 633 -25.45 7.76 11.39
C ASN A 633 -26.01 9.02 12.04
N ALA A 634 -27.22 9.40 11.62
CA ALA A 634 -27.85 10.57 12.22
C ALA A 634 -28.17 10.33 13.70
N VAL A 635 -28.58 9.12 14.06
CA VAL A 635 -28.90 8.83 15.46
C VAL A 635 -27.62 8.69 16.29
N ASP A 636 -26.50 8.38 15.65
CA ASP A 636 -25.25 8.14 16.32
C ASP A 636 -24.44 9.41 16.58
N VAL A 637 -24.88 10.56 16.06
CA VAL A 637 -24.08 11.77 16.15
C VAL A 637 -23.97 12.24 17.60
N VAL A 638 -25.10 12.35 18.30
CA VAL A 638 -25.13 12.93 19.64
C VAL A 638 -24.35 12.09 20.65
N PRO A 639 -24.56 10.75 20.77
CA PRO A 639 -23.85 10.01 21.81
C PRO A 639 -22.37 9.92 21.54
N SER A 640 -22.01 9.67 20.27
CA SER A 640 -20.60 9.60 19.90
C SER A 640 -19.91 10.93 20.13
N SER A 641 -20.58 12.04 19.82
CA SER A 641 -19.99 13.35 20.05
C SER A 641 -19.85 13.62 21.54
N PHE A 642 -20.79 13.13 22.35
CA PHE A 642 -20.69 13.30 23.79
C PHE A 642 -19.53 12.49 24.37
N CYS A 643 -19.29 11.29 23.84
CA CYS A 643 -18.28 10.41 24.41
C CYS A 643 -16.88 10.76 23.93
N VAL A 644 -16.68 10.83 22.61
CA VAL A 644 -15.36 11.01 22.02
C VAL A 644 -14.71 12.30 22.51
N LYS A 645 -15.51 13.28 22.92
CA LYS A 645 -14.98 14.55 23.40
C LYS A 645 -14.05 14.39 24.60
N HIS A 646 -14.16 13.28 25.34
CA HIS A 646 -13.43 13.13 26.59
C HIS A 646 -12.15 12.32 26.48
N CYS A 647 -11.90 11.65 25.34
CA CYS A 647 -10.71 10.81 25.21
C CYS A 647 -9.49 11.66 24.89
N ARG A 648 -8.37 11.37 25.58
CA ARG A 648 -7.15 12.15 25.38
C ARG A 648 -5.89 11.31 25.30
N ASN A 649 -6.01 10.00 25.04
CA ASN A 649 -4.85 9.12 24.92
C ASN A 649 -4.75 8.44 23.57
N LEU A 650 -5.61 8.78 22.62
CA LEU A 650 -5.62 8.09 21.34
C LEU A 650 -4.45 8.56 20.47
N GLN A 651 -4.07 7.70 19.51
CA GLN A 651 -2.97 7.99 18.61
C GLN A 651 -3.31 7.79 17.14
N LYS A 652 -4.49 7.28 16.83
CA LYS A 652 -4.90 7.06 15.45
C LYS A 652 -6.42 7.08 15.40
N MET A 653 -6.97 7.68 14.35
CA MET A 653 -8.41 7.86 14.27
C MET A 653 -8.89 7.55 12.85
N SER A 654 -10.14 7.13 12.75
CA SER A 654 -10.81 6.88 11.47
C SER A 654 -12.26 7.32 11.59
N LEU A 655 -12.78 7.94 10.53
CA LEU A 655 -14.14 8.44 10.52
C LEU A 655 -14.91 7.90 9.33
N GLN A 656 -16.22 7.77 9.50
CA GLN A 656 -17.10 7.37 8.40
C GLN A 656 -18.50 7.86 8.70
N VAL A 657 -18.95 8.87 7.97
CA VAL A 657 -20.31 9.40 8.11
C VAL A 657 -21.13 8.88 6.93
N ILE A 658 -22.12 8.05 7.22
CA ILE A 658 -22.90 7.41 6.16
C ILE A 658 -23.95 8.39 5.64
N LYS A 659 -24.10 8.43 4.32
CA LYS A 659 -25.09 9.30 3.70
C LYS A 659 -26.50 8.84 4.04
N GLU A 660 -27.33 9.77 4.50
CA GLU A 660 -28.72 9.45 4.83
C GLU A 660 -29.54 9.26 3.56
N ASN A 661 -30.54 8.40 3.66
CA ASN A 661 -31.44 8.15 2.54
C ASN A 661 -32.65 9.10 2.60
N ASP A 680 -32.41 22.64 10.29
CA ASP A 680 -31.88 21.56 11.13
C ASP A 680 -30.37 21.64 11.23
N ASP A 681 -29.75 22.29 10.26
CA ASP A 681 -28.30 22.43 10.24
C ASP A 681 -27.81 23.25 11.43
N GLN A 682 -28.54 24.30 11.79
CA GLN A 682 -28.15 25.12 12.94
C GLN A 682 -28.15 24.29 14.22
N HIS A 683 -29.07 23.34 14.35
CA HIS A 683 -29.07 22.43 15.49
C HIS A 683 -27.86 21.50 15.46
N MET A 684 -27.46 21.06 14.27
CA MET A 684 -26.32 20.15 14.15
C MET A 684 -25.00 20.87 14.35
N LEU A 685 -24.99 22.20 14.26
CA LEU A 685 -23.73 22.94 14.35
C LEU A 685 -22.89 22.64 15.59
N PRO A 686 -23.43 22.63 16.81
CA PRO A 686 -22.56 22.33 17.97
C PRO A 686 -22.12 20.87 18.02
N PHE A 687 -22.93 19.95 17.50
CA PHE A 687 -22.60 18.52 17.59
C PHE A 687 -21.33 18.21 16.81
N TRP A 688 -21.25 18.66 15.56
CA TRP A 688 -20.03 18.42 14.79
C TRP A 688 -18.88 19.29 15.25
N THR A 689 -19.19 20.41 15.92
CA THR A 689 -18.15 21.21 16.54
C THR A 689 -17.45 20.43 17.65
N ASP A 690 -18.21 19.72 18.47
CA ASP A 690 -17.63 18.95 19.57
C ASP A 690 -16.73 17.84 19.05
N LEU A 691 -17.16 17.16 17.99
CA LEU A 691 -16.43 16.01 17.48
C LEU A 691 -15.04 16.39 16.97
N CYS A 692 -14.96 17.45 16.16
CA CYS A 692 -13.70 17.79 15.50
C CYS A 692 -12.68 18.35 16.48
N SER A 693 -13.09 18.64 17.73
CA SER A 693 -12.18 19.22 18.71
C SER A 693 -11.08 18.26 19.12
N ILE A 694 -11.19 16.97 18.77
CA ILE A 694 -10.24 15.96 19.23
C ILE A 694 -8.83 16.25 18.75
N PHE A 695 -8.68 16.90 17.58
CA PHE A 695 -7.36 17.12 17.02
C PHE A 695 -6.52 18.05 17.91
N GLY A 696 -7.11 19.16 18.36
CA GLY A 696 -6.37 20.10 19.18
C GLY A 696 -6.19 19.64 20.62
N SER A 697 -7.19 18.95 21.18
CA SER A 697 -7.10 18.51 22.56
C SER A 697 -6.03 17.44 22.75
N ASN A 698 -6.06 16.41 21.91
CA ASN A 698 -5.08 15.34 22.00
C ASN A 698 -3.73 15.80 21.46
N LYS A 699 -2.66 15.14 21.92
CA LYS A 699 -1.31 15.58 21.59
C LYS A 699 -0.50 14.49 20.91
N ASP A 700 -1.13 13.37 20.52
CA ASP A 700 -0.40 12.29 19.88
C ASP A 700 -1.17 11.68 18.72
N LEU A 701 -2.15 12.40 18.16
CA LEU A 701 -2.95 11.90 17.05
C LEU A 701 -2.19 12.13 15.74
N MET A 702 -1.18 11.27 15.53
CA MET A 702 -0.31 11.41 14.38
C MET A 702 -0.98 11.01 13.07
N GLY A 703 -1.95 10.13 13.11
CA GLY A 703 -2.57 9.62 11.90
C GLY A 703 -4.06 9.88 11.87
N LEU A 704 -4.55 10.28 10.71
CA LEU A 704 -5.97 10.54 10.50
C LEU A 704 -6.40 9.89 9.19
N ALA A 705 -7.55 9.21 9.22
CA ALA A 705 -8.09 8.55 8.05
C ALA A 705 -9.56 8.88 7.92
N ILE A 706 -9.99 9.17 6.69
CA ILE A 706 -11.39 9.47 6.39
C ILE A 706 -11.79 8.57 5.23
N ASN A 707 -12.72 7.67 5.47
CA ASN A 707 -13.09 6.64 4.51
C ASN A 707 -14.58 6.70 4.20
N ASP A 708 -14.90 6.86 2.91
CA ASP A 708 -16.28 6.77 2.42
C ASP A 708 -17.22 7.69 3.20
N SER A 709 -16.80 8.93 3.42
CA SER A 709 -17.58 9.90 4.19
C SER A 709 -18.23 10.92 3.27
N PHE A 710 -19.54 11.08 3.39
CA PHE A 710 -20.29 12.11 2.69
C PHE A 710 -20.68 13.18 3.70
N LEU A 711 -20.23 14.40 3.47
CA LEU A 711 -20.35 15.48 4.44
C LEU A 711 -21.31 16.55 3.94
N SER A 712 -21.37 17.65 4.70
CA SER A 712 -22.17 18.81 4.38
C SER A 712 -21.30 20.06 4.50
N ALA A 713 -21.83 21.18 4.01
CA ALA A 713 -21.03 22.40 3.94
C ALA A 713 -20.53 22.85 5.31
N SER A 714 -21.39 22.80 6.33
CA SER A 714 -20.98 23.28 7.64
C SER A 714 -19.91 22.39 8.26
N LEU A 715 -20.08 21.07 8.15
CA LEU A 715 -19.08 20.15 8.70
C LEU A 715 -17.76 20.28 7.94
N VAL A 716 -17.82 20.42 6.61
CA VAL A 716 -16.60 20.58 5.83
C VAL A 716 -15.88 21.86 6.23
N ARG A 717 -16.64 22.95 6.43
CA ARG A 717 -16.03 24.22 6.82
C ARG A 717 -15.33 24.08 8.17
N ILE A 718 -16.02 23.48 9.16
CA ILE A 718 -15.42 23.35 10.49
C ILE A 718 -14.19 22.44 10.44
N LEU A 719 -14.30 21.33 9.70
CA LEU A 719 -13.19 20.40 9.59
C LEU A 719 -11.97 21.05 8.95
N CYS A 720 -12.18 21.83 7.89
CA CYS A 720 -11.07 22.51 7.25
C CYS A 720 -10.47 23.60 8.13
N GLU A 721 -11.31 24.31 8.90
CA GLU A 721 -10.78 25.29 9.84
C GLU A 721 -9.90 24.61 10.88
N GLN A 722 -10.28 23.41 11.32
CA GLN A 722 -9.47 22.69 12.30
C GLN A 722 -8.18 22.15 11.68
N ILE A 723 -8.27 21.63 10.45
CA ILE A 723 -7.09 21.07 9.80
C ILE A 723 -6.06 22.16 9.53
N ALA A 724 -6.51 23.30 8.98
CA ALA A 724 -5.58 24.36 8.61
C ALA A 724 -5.01 25.08 9.83
N SER A 725 -5.60 24.87 10.99
CA SER A 725 -5.17 25.55 12.20
C SER A 725 -3.73 25.17 12.55
N ASP A 726 -3.09 26.04 13.34
CA ASP A 726 -1.71 25.82 13.78
C ASP A 726 -1.62 24.93 15.01
N THR A 727 -2.76 24.48 15.56
CA THR A 727 -2.75 23.54 16.67
C THR A 727 -2.70 22.09 16.22
N CYS A 728 -2.83 21.84 14.92
CA CYS A 728 -2.78 20.47 14.41
C CYS A 728 -1.35 19.94 14.44
N HIS A 729 -1.23 18.62 14.63
CA HIS A 729 0.08 17.96 14.65
C HIS A 729 0.07 16.65 13.86
N LEU A 730 -0.81 16.52 12.87
CA LEU A 730 -0.88 15.32 12.07
C LEU A 730 0.40 15.12 11.27
N GLN A 731 0.82 13.85 11.12
CA GLN A 731 1.97 13.50 10.30
C GLN A 731 1.61 12.66 9.08
N ARG A 732 0.57 11.84 9.17
CA ARG A 732 0.12 11.04 8.05
C ARG A 732 -1.39 11.21 7.89
N VAL A 733 -1.83 11.45 6.67
CA VAL A 733 -3.23 11.70 6.36
C VAL A 733 -3.62 10.89 5.14
N VAL A 734 -4.79 10.25 5.20
CA VAL A 734 -5.30 9.44 4.09
C VAL A 734 -6.73 9.88 3.80
N PHE A 735 -6.97 10.40 2.60
CA PHE A 735 -8.30 10.76 2.14
C PHE A 735 -8.73 9.75 1.09
N LYS A 736 -9.94 9.20 1.25
CA LYS A 736 -10.48 8.28 0.26
C LYS A 736 -11.98 8.44 0.16
N ASN A 737 -12.47 8.47 -1.08
CA ASN A 737 -13.91 8.41 -1.39
C ASN A 737 -14.69 9.53 -0.69
N ILE A 738 -14.08 10.71 -0.55
CA ILE A 738 -14.77 11.82 0.10
C ILE A 738 -15.64 12.54 -0.91
N SER A 739 -16.89 12.79 -0.54
CA SER A 739 -17.91 13.38 -1.38
C SER A 739 -18.57 14.53 -0.64
N PRO A 740 -19.02 15.56 -1.35
CA PRO A 740 -18.95 15.80 -2.80
C PRO A 740 -17.58 16.27 -3.28
N ALA A 741 -17.49 16.67 -4.54
CA ALA A 741 -16.22 17.16 -5.09
C ALA A 741 -15.75 18.42 -4.36
N ASP A 742 -16.68 19.33 -4.05
CA ASP A 742 -16.31 20.56 -3.37
C ASP A 742 -15.72 20.28 -1.99
N ALA A 743 -16.26 19.28 -1.29
CA ALA A 743 -15.70 18.90 0.00
C ALA A 743 -14.27 18.38 -0.15
N HIS A 744 -14.02 17.55 -1.17
CA HIS A 744 -12.68 17.03 -1.40
C HIS A 744 -11.71 18.16 -1.71
N ARG A 745 -12.12 19.10 -2.56
CA ARG A 745 -11.26 20.22 -2.92
C ARG A 745 -10.96 21.09 -1.70
N ASN A 746 -11.99 21.37 -0.89
CA ASN A 746 -11.77 22.19 0.30
C ASN A 746 -10.84 21.50 1.28
N LEU A 747 -11.00 20.18 1.47
CA LEU A 747 -10.09 19.46 2.37
C LEU A 747 -8.66 19.50 1.85
N CYS A 748 -8.48 19.35 0.53
CA CYS A 748 -7.14 19.42 -0.04
C CYS A 748 -6.52 20.80 0.15
N LEU A 749 -7.31 21.86 0.00
CA LEU A 749 -6.75 23.22 0.05
C LEU A 749 -6.18 23.56 1.41
N ALA A 750 -6.69 22.94 2.48
CA ALA A 750 -6.15 23.22 3.81
C ALA A 750 -4.71 22.74 3.96
N LEU A 751 -4.27 21.83 3.08
CA LEU A 751 -2.93 21.28 3.19
C LEU A 751 -1.85 22.22 2.66
N ARG A 752 -2.22 23.29 1.96
CA ARG A 752 -1.25 24.23 1.42
C ARG A 752 -0.43 24.91 2.51
N GLY A 753 0.87 24.65 2.53
CA GLY A 753 1.74 25.26 3.51
C GLY A 753 1.72 24.61 4.87
N HIS A 754 1.11 23.43 5.00
CA HIS A 754 1.08 22.77 6.30
C HIS A 754 2.48 22.44 6.77
N LYS A 755 2.73 22.67 8.06
CA LYS A 755 4.08 22.62 8.60
C LYS A 755 4.40 21.32 9.32
N THR A 756 3.54 20.31 9.24
CA THR A 756 3.79 19.04 9.92
C THR A 756 3.54 17.80 9.08
N VAL A 757 2.74 17.86 8.03
CA VAL A 757 2.35 16.69 7.25
C VAL A 757 3.54 16.31 6.35
N THR A 758 4.12 15.13 6.59
CA THR A 758 5.18 14.60 5.74
C THR A 758 4.74 13.42 4.89
N TYR A 759 3.58 12.82 5.17
CA TYR A 759 3.06 11.71 4.39
C TYR A 759 1.66 12.04 3.94
N LEU A 760 1.32 11.63 2.71
CA LEU A 760 0.00 11.94 2.16
C LEU A 760 -0.40 10.87 1.16
N THR A 761 -1.67 10.47 1.22
CA THR A 761 -2.26 9.53 0.28
C THR A 761 -3.63 10.03 -0.13
N LEU A 762 -3.95 9.90 -1.42
CA LEU A 762 -5.18 10.44 -1.97
C LEU A 762 -5.90 9.38 -2.78
N GLN A 763 -7.22 9.35 -2.67
CA GLN A 763 -8.05 8.45 -3.45
C GLN A 763 -9.41 9.10 -3.66
N GLY A 764 -10.02 8.82 -4.80
CA GLY A 764 -11.32 9.39 -5.12
C GLY A 764 -11.92 8.73 -6.33
N ASN A 765 -13.24 8.87 -6.45
CA ASN A 765 -13.97 8.31 -7.58
C ASN A 765 -14.01 9.25 -8.77
N ASP A 766 -14.10 10.55 -8.52
CA ASP A 766 -14.09 11.56 -9.57
C ASP A 766 -12.94 12.53 -9.30
N GLN A 767 -12.19 12.85 -10.36
CA GLN A 767 -10.95 13.61 -10.22
C GLN A 767 -10.91 14.86 -11.10
N ASP A 768 -12.07 15.38 -11.52
CA ASP A 768 -12.09 16.51 -12.45
C ASP A 768 -11.57 17.80 -11.84
N ASP A 769 -11.44 17.88 -10.51
CA ASP A 769 -10.91 19.09 -9.88
C ASP A 769 -9.86 18.78 -8.82
N MET A 770 -9.42 17.52 -8.70
CA MET A 770 -8.39 17.19 -7.72
C MET A 770 -7.04 17.77 -8.13
N PHE A 771 -6.72 17.69 -9.42
CA PHE A 771 -5.40 18.09 -9.89
C PHE A 771 -5.08 19.57 -9.66
N PRO A 772 -6.00 20.52 -9.91
CA PRO A 772 -5.66 21.92 -9.59
C PRO A 772 -5.26 22.14 -8.14
N ALA A 773 -6.00 21.56 -7.19
CA ALA A 773 -5.66 21.72 -5.78
C ALA A 773 -4.35 21.00 -5.44
N LEU A 774 -4.16 19.80 -6.01
CA LEU A 774 -2.92 19.07 -5.75
C LEU A 774 -1.71 19.83 -6.27
N CYS A 775 -1.84 20.42 -7.46
CA CYS A 775 -0.74 21.20 -8.03
C CYS A 775 -0.50 22.48 -7.24
N GLU A 776 -1.56 23.10 -6.71
CA GLU A 776 -1.35 24.25 -5.84
C GLU A 776 -0.59 23.86 -4.59
N VAL A 777 -0.91 22.70 -4.00
CA VAL A 777 -0.18 22.24 -2.83
C VAL A 777 1.28 21.97 -3.17
N LEU A 778 1.52 21.29 -4.28
CA LEU A 778 2.90 20.93 -4.66
C LEU A 778 3.73 22.17 -4.97
N ARG A 779 3.17 23.12 -5.72
CA ARG A 779 3.95 24.28 -6.17
C ARG A 779 4.28 25.23 -5.02
N HIS A 780 3.62 25.08 -3.88
CA HIS A 780 3.79 26.04 -2.80
C HIS A 780 5.24 26.05 -2.32
N PRO A 781 5.82 27.23 -2.08
CA PRO A 781 7.24 27.29 -1.68
C PRO A 781 7.50 26.84 -0.25
N GLU A 782 6.48 26.66 0.57
CA GLU A 782 6.65 26.24 1.95
C GLU A 782 6.32 24.77 2.19
N CYS A 783 5.74 24.09 1.20
CA CYS A 783 5.34 22.70 1.38
C CYS A 783 6.57 21.81 1.54
N ASN A 784 6.47 20.83 2.45
CA ASN A 784 7.57 19.95 2.76
C ASN A 784 7.12 18.49 2.93
N LEU A 785 6.15 18.05 2.13
CA LEU A 785 5.73 16.65 2.21
C LEU A 785 6.77 15.75 1.57
N ARG A 786 7.22 14.74 2.31
CA ARG A 786 8.36 13.91 1.92
C ARG A 786 7.95 12.66 1.16
N TYR A 787 6.71 12.21 1.32
CA TYR A 787 6.20 11.02 0.64
C TYR A 787 4.86 11.36 0.00
N LEU A 788 4.61 10.81 -1.18
CA LEU A 788 3.38 11.06 -1.91
C LEU A 788 2.84 9.76 -2.46
N GLY A 789 1.52 9.59 -2.38
CA GLY A 789 0.90 8.40 -2.91
C GLY A 789 -0.45 8.67 -3.54
N LEU A 790 -0.62 8.27 -4.79
CA LEU A 790 -1.87 8.40 -5.52
C LEU A 790 -2.38 7.00 -5.85
N VAL A 791 -3.62 6.72 -5.48
CA VAL A 791 -4.20 5.39 -5.66
C VAL A 791 -5.46 5.52 -6.51
N SER A 792 -5.50 4.78 -7.61
CA SER A 792 -6.67 4.61 -8.48
C SER A 792 -7.21 5.91 -9.04
N CYS A 793 -6.46 7.01 -8.96
CA CYS A 793 -6.94 8.28 -9.49
C CYS A 793 -6.93 8.28 -11.01
N SER A 794 -8.05 8.68 -11.61
CA SER A 794 -8.15 8.80 -13.05
C SER A 794 -7.63 10.17 -13.50
N ALA A 795 -7.08 10.22 -14.70
CA ALA A 795 -6.40 11.44 -15.16
C ALA A 795 -6.38 11.50 -16.67
N THR A 796 -5.95 12.65 -17.19
CA THR A 796 -5.74 12.89 -18.60
C THR A 796 -4.34 13.45 -18.81
N THR A 797 -3.97 13.62 -20.09
CA THR A 797 -2.60 13.99 -20.42
C THR A 797 -2.24 15.37 -19.86
N GLN A 798 -3.15 16.34 -19.96
CA GLN A 798 -2.86 17.69 -19.47
C GLN A 798 -2.64 17.70 -17.97
N GLN A 799 -3.42 16.90 -17.24
CA GLN A 799 -3.25 16.82 -15.80
C GLN A 799 -1.88 16.23 -15.44
N TRP A 800 -1.46 15.20 -16.17
CA TRP A 800 -0.10 14.69 -15.98
C TRP A 800 0.94 15.75 -16.30
N ALA A 801 0.69 16.58 -17.32
CA ALA A 801 1.64 17.63 -17.67
C ALA A 801 1.80 18.64 -16.56
N ASP A 802 0.68 19.14 -16.01
CA ASP A 802 0.81 20.12 -14.94
C ASP A 802 1.35 19.47 -13.67
N LEU A 803 1.04 18.20 -13.42
CA LEU A 803 1.63 17.51 -12.28
C LEU A 803 3.14 17.39 -12.42
N SER A 804 3.62 17.07 -13.62
CA SER A 804 5.05 17.00 -13.87
C SER A 804 5.71 18.35 -13.69
N LEU A 805 5.06 19.41 -14.18
CA LEU A 805 5.61 20.75 -13.97
C LEU A 805 5.69 21.10 -12.48
N ALA A 806 4.65 20.77 -11.70
CA ALA A 806 4.68 21.03 -10.27
C ALA A 806 5.78 20.24 -9.59
N LEU A 807 5.98 18.98 -10.00
CA LEU A 807 7.07 18.18 -9.46
C LEU A 807 8.42 18.79 -9.79
N GLU A 808 8.57 19.33 -11.00
CA GLU A 808 9.81 20.04 -11.33
C GLU A 808 10.02 21.23 -10.42
N VAL A 809 8.93 21.97 -10.13
CA VAL A 809 9.05 23.07 -9.18
C VAL A 809 9.31 22.55 -7.77
N ASN A 810 8.74 21.40 -7.42
CA ASN A 810 8.87 20.85 -6.07
C ASN A 810 10.32 20.49 -5.76
N GLN A 811 10.69 20.65 -4.49
CA GLN A 811 12.06 20.38 -4.05
C GLN A 811 12.08 19.63 -2.71
N SER A 812 11.02 18.89 -2.39
CA SER A 812 10.88 18.29 -1.07
C SER A 812 10.87 16.77 -1.09
N LEU A 813 10.03 16.14 -1.90
CA LEU A 813 9.79 14.71 -1.76
C LEU A 813 10.95 13.87 -2.30
N THR A 814 11.16 12.71 -1.68
CA THR A 814 12.17 11.75 -2.12
C THR A 814 11.58 10.41 -2.53
N CYS A 815 10.34 10.12 -2.17
CA CYS A 815 9.69 8.85 -2.51
C CYS A 815 8.33 9.13 -3.13
N VAL A 816 8.07 8.54 -4.30
CA VAL A 816 6.81 8.69 -5.00
C VAL A 816 6.26 7.30 -5.31
N ASN A 817 5.01 7.06 -4.93
CA ASN A 817 4.34 5.78 -5.16
C ASN A 817 3.12 6.02 -6.04
N LEU A 818 3.05 5.30 -7.16
CA LEU A 818 1.92 5.35 -8.07
C LEU A 818 1.46 3.92 -8.32
N SER A 819 0.23 3.61 -7.91
CA SER A 819 -0.31 2.27 -8.04
C SER A 819 -1.71 2.34 -8.63
N ASP A 820 -1.95 1.57 -9.68
CA ASP A 820 -3.25 1.46 -10.34
C ASP A 820 -3.60 2.73 -11.10
N ASN A 821 -2.74 3.74 -11.04
CA ASN A 821 -2.96 4.94 -11.81
C ASN A 821 -2.90 4.62 -13.31
N GLU A 822 -3.86 5.16 -14.07
CA GLU A 822 -3.96 4.86 -15.49
C GLU A 822 -3.00 5.73 -16.30
N LEU A 823 -1.70 5.55 -16.05
CA LEU A 823 -0.69 6.23 -16.83
C LEU A 823 -0.59 5.62 -18.23
N LEU A 824 -0.16 6.43 -19.18
CA LEU A 824 0.08 5.99 -20.55
C LEU A 824 1.54 6.23 -20.90
N ASP A 825 1.88 5.97 -22.16
CA ASP A 825 3.24 6.19 -22.63
C ASP A 825 3.61 7.67 -22.58
N GLU A 826 2.69 8.55 -22.94
CA GLU A 826 2.97 9.98 -22.95
C GLU A 826 3.21 10.50 -21.53
N GLY A 827 2.38 10.08 -20.58
CA GLY A 827 2.59 10.46 -19.20
C GLY A 827 3.90 9.94 -18.66
N ALA A 828 4.25 8.70 -19.03
CA ALA A 828 5.54 8.14 -18.62
C ALA A 828 6.70 8.95 -19.19
N LYS A 829 6.57 9.37 -20.45
CA LYS A 829 7.63 10.18 -21.06
C LYS A 829 7.76 11.53 -20.36
N LEU A 830 6.64 12.15 -20.00
CA LEU A 830 6.71 13.41 -19.27
C LEU A 830 7.33 13.21 -17.89
N LEU A 831 7.00 12.11 -17.21
CA LEU A 831 7.62 11.81 -15.93
C LEU A 831 9.12 11.63 -16.08
N TYR A 832 9.55 10.93 -17.14
CA TYR A 832 10.97 10.75 -17.39
C TYR A 832 11.66 12.10 -17.63
N THR A 833 11.04 12.96 -18.43
CA THR A 833 11.61 14.29 -18.67
C THR A 833 11.73 15.06 -17.38
N THR A 834 10.79 14.87 -16.45
CA THR A 834 10.95 15.43 -15.11
C THR A 834 12.13 14.79 -14.39
N LEU A 835 12.38 13.51 -14.63
CA LEU A 835 13.43 12.79 -13.93
C LEU A 835 14.83 13.13 -14.45
N ARG A 836 14.97 13.40 -15.75
CA ARG A 836 16.30 13.67 -16.28
C ARG A 836 16.78 15.09 -16.01
N HIS A 837 15.93 15.95 -15.47
CA HIS A 837 16.35 17.30 -15.12
C HIS A 837 17.44 17.24 -14.06
N PRO A 838 18.48 18.08 -14.16
CA PRO A 838 19.61 17.98 -13.23
C PRO A 838 19.35 18.59 -11.86
N LYS A 839 18.10 18.84 -11.51
CA LYS A 839 17.77 19.41 -10.19
C LYS A 839 16.84 18.51 -9.38
N CYS A 840 16.56 17.30 -9.83
CA CYS A 840 15.69 16.40 -9.08
C CYS A 840 16.49 15.53 -8.14
N PHE A 841 15.81 14.99 -7.12
CA PHE A 841 16.45 14.16 -6.10
C PHE A 841 15.60 12.95 -5.74
N LEU A 842 14.85 12.41 -6.70
CA LEU A 842 14.00 11.27 -6.44
C LEU A 842 14.87 10.03 -6.23
N GLN A 843 14.77 9.43 -5.04
CA GLN A 843 15.57 8.25 -4.70
C GLN A 843 14.82 6.95 -4.95
N ARG A 844 13.54 6.88 -4.59
CA ARG A 844 12.73 5.68 -4.75
C ARG A 844 11.50 6.00 -5.59
N LEU A 845 11.12 5.05 -6.44
CA LEU A 845 10.02 5.26 -7.36
C LEU A 845 9.36 3.92 -7.68
N SER A 846 8.04 3.91 -7.75
CA SER A 846 7.27 2.70 -8.02
C SER A 846 6.25 2.98 -9.12
N LEU A 847 6.18 2.07 -10.08
CA LEU A 847 5.19 2.12 -11.16
C LEU A 847 4.58 0.73 -11.28
N GLU A 848 3.46 0.51 -10.58
CA GLU A 848 2.78 -0.78 -10.57
C GLU A 848 1.44 -0.65 -11.26
N ASN A 849 1.19 -1.54 -12.22
CA ASN A 849 -0.04 -1.55 -13.01
C ASN A 849 -0.27 -0.22 -13.72
N CYS A 850 0.81 0.42 -14.16
CA CYS A 850 0.75 1.70 -14.85
C CYS A 850 0.65 1.54 -16.37
N HIS A 851 0.58 0.32 -16.88
CA HIS A 851 0.41 0.04 -18.32
C HIS A 851 1.58 0.58 -19.13
N LEU A 852 2.79 0.12 -18.81
CA LEU A 852 3.99 0.55 -19.50
C LEU A 852 4.30 -0.39 -20.67
N THR A 853 5.36 -0.06 -21.41
CA THR A 853 5.77 -0.86 -22.56
C THR A 853 7.28 -0.72 -22.73
N GLU A 854 7.81 -1.42 -23.73
CA GLU A 854 9.27 -1.49 -23.92
C GLU A 854 9.86 -0.15 -24.30
N ALA A 855 9.13 0.69 -25.04
CA ALA A 855 9.66 2.01 -25.38
C ALA A 855 9.89 2.85 -24.13
N ASN A 856 8.94 2.81 -23.19
CA ASN A 856 9.15 3.46 -21.91
C ASN A 856 10.34 2.85 -21.17
N CYS A 857 10.63 1.57 -21.42
CA CYS A 857 11.80 0.95 -20.79
C CYS A 857 13.10 1.45 -21.39
N LYS A 858 13.13 1.70 -22.71
CA LYS A 858 14.32 2.31 -23.31
C LYS A 858 14.52 3.73 -22.79
N ASP A 859 13.44 4.50 -22.68
CA ASP A 859 13.55 5.82 -22.07
C ASP A 859 14.02 5.73 -20.62
N LEU A 860 13.58 4.69 -19.91
CA LEU A 860 14.04 4.47 -18.54
C LEU A 860 15.52 4.14 -18.50
N ALA A 861 16.01 3.39 -19.48
CA ALA A 861 17.46 3.15 -19.57
C ALA A 861 18.21 4.46 -19.76
N ALA A 862 17.69 5.33 -20.62
CA ALA A 862 18.28 6.66 -20.78
C ALA A 862 18.28 7.42 -19.46
N VAL A 863 17.20 7.30 -18.69
CA VAL A 863 17.13 7.96 -17.39
C VAL A 863 18.18 7.41 -16.44
N LEU A 864 18.33 6.08 -16.41
CA LEU A 864 19.31 5.46 -15.52
C LEU A 864 20.73 5.86 -15.89
N VAL A 865 21.01 6.05 -17.18
CA VAL A 865 22.31 6.54 -17.58
C VAL A 865 22.48 8.00 -17.16
N VAL A 866 21.43 8.81 -17.29
CA VAL A 866 21.55 10.24 -17.05
C VAL A 866 21.43 10.58 -15.57
N SER A 867 20.41 10.04 -14.89
CA SER A 867 20.09 10.43 -13.52
C SER A 867 21.26 10.24 -12.57
N ARG A 868 21.21 10.91 -11.42
CA ARG A 868 22.29 10.78 -10.45
C ARG A 868 21.78 10.63 -9.02
N GLU A 869 20.51 10.26 -8.83
CA GLU A 869 19.98 10.02 -7.49
C GLU A 869 19.14 8.76 -7.37
N LEU A 870 18.66 8.18 -8.46
CA LEU A 870 17.79 7.00 -8.40
C LEU A 870 18.57 5.78 -7.91
N THR A 871 18.10 5.16 -6.83
CA THR A 871 18.71 3.97 -6.26
C THR A 871 17.80 2.76 -6.27
N HIS A 872 16.57 2.90 -5.81
CA HIS A 872 15.60 1.79 -5.77
C HIS A 872 14.50 2.07 -6.78
N LEU A 873 14.23 1.10 -7.65
CA LEU A 873 13.17 1.21 -8.63
C LEU A 873 12.35 -0.07 -8.62
N CYS A 874 11.03 0.07 -8.71
CA CYS A 874 10.11 -1.06 -8.69
C CYS A 874 9.24 -1.04 -9.93
N LEU A 875 9.25 -2.15 -10.67
CA LEU A 875 8.39 -2.33 -11.84
C LEU A 875 7.69 -3.67 -11.68
N ALA A 876 6.41 -3.62 -11.34
CA ALA A 876 5.61 -4.83 -11.13
C ALA A 876 4.38 -4.80 -12.02
N LYS A 877 3.91 -5.99 -12.39
CA LYS A 877 2.73 -6.15 -13.24
C LYS A 877 2.90 -5.46 -14.58
N ASN A 878 4.13 -5.43 -15.10
CA ASN A 878 4.43 -4.80 -16.36
C ASN A 878 5.02 -5.81 -17.33
N PRO A 879 4.45 -5.94 -18.54
CA PRO A 879 5.02 -6.85 -19.57
C PRO A 879 6.23 -6.25 -20.27
N ILE A 880 7.38 -6.31 -19.59
CA ILE A 880 8.61 -5.71 -20.10
C ILE A 880 9.78 -6.68 -20.00
N GLY A 881 9.51 -7.97 -20.07
CA GLY A 881 10.53 -8.98 -19.86
C GLY A 881 11.77 -8.93 -20.75
N ASN A 882 11.63 -9.27 -22.04
CA ASN A 882 12.81 -9.56 -22.85
C ASN A 882 13.48 -8.29 -23.38
N THR A 883 12.80 -7.56 -24.26
CA THR A 883 13.40 -6.33 -24.79
C THR A 883 13.60 -5.32 -23.68
N GLY A 884 12.71 -5.30 -22.70
CA GLY A 884 12.88 -4.42 -21.56
C GLY A 884 14.11 -4.75 -20.74
N VAL A 885 14.35 -6.05 -20.52
CA VAL A 885 15.56 -6.45 -19.79
C VAL A 885 16.81 -6.10 -20.59
N LYS A 886 16.76 -6.24 -21.91
CA LYS A 886 17.91 -5.88 -22.73
C LYS A 886 18.21 -4.38 -22.65
N PHE A 887 17.16 -3.56 -22.71
CA PHE A 887 17.35 -2.12 -22.61
C PHE A 887 17.86 -1.73 -21.23
N LEU A 888 17.31 -2.33 -20.18
CA LEU A 888 17.83 -2.09 -18.83
C LEU A 888 19.28 -2.51 -18.74
N CYS A 889 19.67 -3.58 -19.44
CA CYS A 889 21.07 -3.99 -19.47
C CYS A 889 21.94 -2.93 -20.15
N GLU A 890 21.46 -2.39 -21.27
CA GLU A 890 22.17 -1.28 -21.91
C GLU A 890 22.41 -0.15 -20.93
N GLY A 891 21.38 0.17 -20.14
CA GLY A 891 21.53 1.20 -19.13
C GLY A 891 22.48 0.81 -18.01
N LEU A 892 22.51 -0.47 -17.65
CA LEU A 892 23.18 -0.90 -16.43
C LEU A 892 24.67 -1.15 -16.64
N ARG A 893 25.07 -1.48 -17.87
CA ARG A 893 26.47 -1.78 -18.14
C ARG A 893 27.38 -0.60 -17.82
N TYR A 894 26.89 0.61 -18.01
CA TYR A 894 27.70 1.79 -17.78
C TYR A 894 28.15 1.84 -16.31
N PRO A 895 29.44 2.02 -16.05
CA PRO A 895 29.92 1.97 -14.66
C PRO A 895 29.31 3.03 -13.76
N GLU A 896 28.85 4.13 -14.35
CA GLU A 896 28.32 5.24 -13.55
C GLU A 896 27.01 4.86 -12.88
N CYS A 897 26.33 3.82 -13.38
CA CYS A 897 25.00 3.46 -12.87
C CYS A 897 25.05 3.21 -11.38
N LYS A 898 24.04 3.73 -10.66
CA LYS A 898 24.01 3.67 -9.21
C LYS A 898 22.83 2.88 -8.66
N LEU A 899 22.06 2.21 -9.52
CA LEU A 899 20.91 1.45 -9.04
C LEU A 899 21.37 0.29 -8.15
N GLN A 900 20.70 0.13 -7.02
CA GLN A 900 21.04 -0.91 -6.06
C GLN A 900 19.96 -1.98 -5.91
N THR A 901 18.74 -1.72 -6.35
CA THR A 901 17.66 -2.68 -6.18
C THR A 901 16.69 -2.58 -7.34
N LEU A 902 16.40 -3.73 -7.96
CA LEU A 902 15.43 -3.83 -9.03
C LEU A 902 14.41 -4.90 -8.67
N VAL A 903 13.14 -4.62 -8.92
CA VAL A 903 12.05 -5.54 -8.60
C VAL A 903 11.38 -5.95 -9.90
N LEU A 904 11.24 -7.26 -10.10
CA LEU A 904 10.56 -7.83 -11.26
C LEU A 904 9.53 -8.82 -10.76
N TRP A 905 8.25 -8.54 -11.02
CA TRP A 905 7.16 -9.40 -10.55
C TRP A 905 6.11 -9.48 -11.65
N ASN A 906 5.79 -10.70 -12.07
CA ASN A 906 4.87 -10.95 -13.17
C ASN A 906 5.31 -10.22 -14.44
N CYS A 907 6.62 -10.12 -14.64
CA CYS A 907 7.20 -9.40 -15.76
C CYS A 907 7.60 -10.30 -16.91
N ASP A 908 7.22 -11.58 -16.87
CA ASP A 908 7.51 -12.55 -17.94
C ASP A 908 9.01 -12.73 -18.16
N ILE A 909 9.79 -12.78 -17.07
CA ILE A 909 11.22 -12.99 -17.20
C ILE A 909 11.50 -14.39 -17.73
N THR A 910 12.39 -14.49 -18.72
CA THR A 910 12.67 -15.73 -19.42
C THR A 910 14.16 -16.03 -19.30
N SER A 911 14.60 -17.11 -19.96
CA SER A 911 16.00 -17.51 -19.88
C SER A 911 16.92 -16.47 -20.50
N ASP A 912 16.44 -15.76 -21.52
CA ASP A 912 17.24 -14.70 -22.13
C ASP A 912 17.55 -13.60 -21.12
N GLY A 913 16.52 -13.17 -20.38
CA GLY A 913 16.74 -12.22 -19.31
C GLY A 913 17.64 -12.74 -18.22
N CYS A 914 17.55 -14.05 -17.92
CA CYS A 914 18.45 -14.64 -16.95
C CYS A 914 19.90 -14.58 -17.40
N CYS A 915 20.14 -14.85 -18.69
CA CYS A 915 21.50 -14.75 -19.21
C CYS A 915 22.01 -13.32 -19.15
N ASP A 916 21.16 -12.35 -19.51
CA ASP A 916 21.57 -10.96 -19.44
C ASP A 916 21.88 -10.52 -18.02
N LEU A 917 21.05 -10.93 -17.05
CA LEU A 917 21.29 -10.60 -15.66
C LEU A 917 22.55 -11.26 -15.13
N THR A 918 22.81 -12.51 -15.52
CA THR A 918 24.05 -13.17 -15.11
C THR A 918 25.26 -12.45 -15.67
N LYS A 919 25.20 -12.07 -16.95
CA LYS A 919 26.29 -11.32 -17.56
C LYS A 919 26.54 -10.00 -16.85
N LEU A 920 25.48 -9.32 -16.42
CA LEU A 920 25.64 -8.12 -15.60
C LEU A 920 26.27 -8.44 -14.26
N LEU A 921 25.84 -9.54 -13.62
CA LEU A 921 26.28 -9.87 -12.27
C LEU A 921 27.75 -10.24 -12.21
N GLN A 922 28.27 -10.89 -13.26
CA GLN A 922 29.65 -11.35 -13.21
C GLN A 922 30.64 -10.19 -13.07
N GLU A 923 30.38 -9.07 -13.75
CA GLU A 923 31.23 -7.91 -13.63
C GLU A 923 31.03 -7.24 -12.27
N LYS A 924 31.74 -6.15 -12.04
CA LYS A 924 31.58 -5.38 -10.80
C LYS A 924 30.47 -4.37 -11.03
N SER A 925 29.24 -4.78 -10.74
CA SER A 925 28.07 -3.92 -10.91
C SER A 925 27.64 -3.38 -9.55
N SER A 926 26.71 -2.43 -9.58
CA SER A 926 26.31 -1.72 -8.38
C SER A 926 25.10 -2.35 -7.69
N LEU A 927 24.26 -3.07 -8.43
CA LEU A 927 23.01 -3.59 -7.85
C LEU A 927 23.30 -4.70 -6.86
N LEU A 928 22.64 -4.63 -5.70
CA LEU A 928 22.81 -5.61 -4.64
C LEU A 928 21.67 -6.62 -4.56
N CYS A 929 20.48 -6.24 -5.02
CA CYS A 929 19.29 -7.08 -4.87
C CYS A 929 18.62 -7.29 -6.22
N LEU A 930 17.92 -8.41 -6.34
CA LEU A 930 17.24 -8.77 -7.58
C LEU A 930 16.08 -9.69 -7.24
N ASP A 931 14.85 -9.22 -7.47
CA ASP A 931 13.65 -9.98 -7.15
C ASP A 931 13.07 -10.57 -8.42
N LEU A 932 12.74 -11.85 -8.38
CA LEU A 932 12.14 -12.55 -9.50
C LEU A 932 10.90 -13.30 -9.01
N GLY A 933 9.76 -13.02 -9.61
CA GLY A 933 8.51 -13.63 -9.22
C GLY A 933 7.61 -13.93 -10.40
N LEU A 934 6.94 -15.08 -10.37
CA LEU A 934 6.13 -15.56 -11.50
C LEU A 934 6.98 -15.62 -12.77
N ASN A 935 8.24 -16.03 -12.62
CA ASN A 935 9.19 -16.09 -13.72
C ASN A 935 9.65 -17.53 -13.89
N HIS A 936 9.52 -18.05 -15.12
CA HIS A 936 9.93 -19.41 -15.43
C HIS A 936 11.45 -19.47 -15.60
N ILE A 937 12.14 -19.39 -14.45
CA ILE A 937 13.59 -19.47 -14.39
C ILE A 937 14.06 -20.81 -13.82
N GLY A 938 13.20 -21.83 -13.85
CA GLY A 938 13.43 -23.02 -13.05
C GLY A 938 14.69 -23.78 -13.41
N VAL A 939 14.98 -23.92 -14.70
CA VAL A 939 16.08 -24.77 -15.16
C VAL A 939 17.19 -23.95 -15.80
N LYS A 940 16.90 -23.28 -16.92
CA LYS A 940 17.92 -22.50 -17.60
C LYS A 940 18.31 -21.28 -16.77
N GLY A 941 17.32 -20.60 -16.20
CA GLY A 941 17.60 -19.48 -15.33
C GLY A 941 18.39 -19.89 -14.10
N MET A 942 18.03 -21.04 -13.51
CA MET A 942 18.78 -21.54 -12.37
C MET A 942 20.21 -21.86 -12.76
N LYS A 943 20.42 -22.43 -13.95
CA LYS A 943 21.75 -22.72 -14.45
C LYS A 943 22.59 -21.45 -14.56
N PHE A 944 22.02 -20.43 -15.20
CA PHE A 944 22.76 -19.17 -15.36
C PHE A 944 23.07 -18.53 -14.02
N LEU A 945 22.10 -18.49 -13.11
CA LEU A 945 22.31 -17.86 -11.81
C LEU A 945 23.36 -18.63 -10.99
N CYS A 946 23.33 -19.96 -11.06
CA CYS A 946 24.30 -20.73 -10.29
C CYS A 946 25.71 -20.58 -10.86
N GLU A 947 25.84 -20.60 -12.19
CA GLU A 947 27.18 -20.41 -12.76
C GLU A 947 27.70 -19.00 -12.51
N ALA A 948 26.79 -18.03 -12.33
CA ALA A 948 27.23 -16.71 -11.89
C ALA A 948 27.68 -16.76 -10.43
N LEU A 949 26.91 -17.45 -9.58
CA LEU A 949 27.14 -17.40 -8.14
C LEU A 949 28.45 -18.06 -7.72
N ARG A 950 28.98 -18.96 -8.54
CA ARG A 950 30.16 -19.72 -8.13
C ARG A 950 31.42 -18.86 -8.05
N LYS A 951 31.51 -17.81 -8.88
CA LYS A 951 32.74 -17.01 -8.93
C LYS A 951 32.95 -16.26 -7.61
N PRO A 952 34.21 -16.02 -7.22
CA PRO A 952 34.48 -15.28 -5.98
C PRO A 952 34.26 -13.78 -6.09
N LEU A 953 33.96 -13.26 -7.28
CA LEU A 953 33.82 -11.82 -7.47
C LEU A 953 32.43 -11.31 -7.13
N CYS A 954 31.44 -12.19 -6.96
CA CYS A 954 30.08 -11.75 -6.73
C CYS A 954 29.95 -10.96 -5.44
N ASN A 955 29.15 -9.89 -5.48
CA ASN A 955 28.87 -9.05 -4.32
C ASN A 955 27.38 -8.96 -4.02
N LEU A 956 26.56 -9.72 -4.74
CA LEU A 956 25.12 -9.70 -4.53
C LEU A 956 24.77 -10.22 -3.15
N ARG A 957 23.82 -9.56 -2.48
CA ARG A 957 23.42 -9.90 -1.12
C ARG A 957 22.20 -10.82 -1.07
N CYS A 958 21.11 -10.41 -1.69
CA CYS A 958 19.82 -11.09 -1.53
C CYS A 958 19.32 -11.58 -2.88
N LEU A 959 18.60 -12.69 -2.85
CA LEU A 959 18.01 -13.27 -4.05
C LEU A 959 16.70 -13.95 -3.66
N TRP A 960 15.61 -13.55 -4.31
CA TRP A 960 14.28 -14.07 -4.01
C TRP A 960 13.76 -14.89 -5.17
N LEU A 961 13.21 -16.07 -4.87
CA LEU A 961 12.63 -16.94 -5.88
C LEU A 961 11.25 -17.39 -5.39
N TRP A 962 10.27 -17.35 -6.28
CA TRP A 962 8.92 -17.75 -5.93
C TRP A 962 8.17 -18.13 -7.21
N GLY A 963 7.53 -19.29 -7.21
CA GLY A 963 6.80 -19.74 -8.37
C GLY A 963 7.68 -19.95 -9.58
N CYS A 964 8.92 -20.42 -9.39
CA CYS A 964 9.88 -20.57 -10.46
C CYS A 964 9.95 -21.98 -11.02
N SER A 965 9.37 -22.97 -10.34
CA SER A 965 9.33 -24.36 -10.80
C SER A 965 10.74 -24.91 -11.04
N ILE A 966 11.51 -24.96 -9.96
CA ILE A 966 12.89 -25.44 -10.01
C ILE A 966 12.91 -26.98 -10.00
N PRO A 967 13.45 -27.61 -11.03
CA PRO A 967 13.47 -29.08 -11.08
C PRO A 967 14.68 -29.63 -10.33
N PRO A 968 14.63 -30.92 -9.95
CA PRO A 968 15.76 -31.50 -9.18
C PRO A 968 17.09 -31.49 -9.92
N PHE A 969 17.09 -31.76 -11.23
CA PHE A 969 18.36 -31.75 -11.95
C PHE A 969 18.97 -30.36 -11.96
N SER A 970 18.14 -29.32 -11.88
CA SER A 970 18.67 -27.98 -11.60
C SER A 970 19.04 -27.85 -10.13
N CYS A 971 18.38 -28.58 -9.24
CA CYS A 971 18.70 -28.52 -7.82
C CYS A 971 20.11 -29.02 -7.54
N GLU A 972 20.60 -29.96 -8.36
CA GLU A 972 21.98 -30.41 -8.20
C GLU A 972 22.96 -29.25 -8.40
N ASP A 973 22.78 -28.49 -9.48
CA ASP A 973 23.64 -27.34 -9.71
C ASP A 973 23.42 -26.26 -8.67
N LEU A 974 22.19 -26.13 -8.16
CA LEU A 974 21.94 -25.21 -7.06
C LEU A 974 22.76 -25.59 -5.82
N CYS A 975 22.81 -26.89 -5.51
CA CYS A 975 23.60 -27.35 -4.38
C CYS A 975 25.08 -27.06 -4.60
N SER A 976 25.56 -27.29 -5.83
CA SER A 976 26.95 -26.99 -6.15
C SER A 976 27.25 -25.50 -5.92
N ALA A 977 26.36 -24.64 -6.42
CA ALA A 977 26.57 -23.20 -6.27
C ALA A 977 26.54 -22.79 -4.80
N LEU A 978 25.61 -23.35 -4.02
CA LEU A 978 25.56 -23.03 -2.60
C LEU A 978 26.82 -23.48 -1.88
N SER A 979 27.38 -24.62 -2.29
CA SER A 979 28.67 -25.04 -1.73
C SER A 979 29.79 -24.09 -2.10
N CYS A 980 29.77 -23.58 -3.33
CA CYS A 980 30.88 -22.76 -3.80
C CYS A 980 30.86 -21.34 -3.20
N ASN A 981 29.69 -20.72 -3.13
CA ASN A 981 29.60 -19.30 -2.83
C ASN A 981 29.94 -19.00 -1.38
N GLN A 982 30.38 -17.76 -1.13
CA GLN A 982 30.69 -17.31 0.22
C GLN A 982 30.27 -15.87 0.50
N SER A 983 29.29 -15.34 -0.25
CA SER A 983 28.88 -13.95 -0.07
C SER A 983 27.38 -13.73 0.04
N LEU A 984 26.54 -14.61 -0.48
CA LEU A 984 25.10 -14.42 -0.42
C LEU A 984 24.61 -14.52 1.03
N VAL A 985 23.58 -13.74 1.37
CA VAL A 985 23.12 -13.63 2.75
C VAL A 985 21.72 -14.16 2.97
N THR A 986 20.84 -14.11 1.97
CA THR A 986 19.46 -14.55 2.17
C THR A 986 19.02 -15.35 0.96
N LEU A 987 18.16 -16.36 1.21
CA LEU A 987 17.64 -17.21 0.15
C LEU A 987 16.23 -17.63 0.51
N ASP A 988 15.28 -17.34 -0.37
CA ASP A 988 13.89 -17.67 -0.15
C ASP A 988 13.39 -18.55 -1.29
N LEU A 989 12.72 -19.65 -0.94
CA LEU A 989 12.16 -20.58 -1.91
C LEU A 989 10.71 -20.88 -1.55
N GLY A 990 9.93 -21.20 -2.58
CA GLY A 990 8.51 -21.50 -2.39
C GLY A 990 7.83 -21.94 -3.65
N GLN A 991 6.84 -22.82 -3.52
CA GLN A 991 6.04 -23.33 -4.63
C GLN A 991 6.87 -24.12 -5.65
N ASN A 992 8.10 -24.48 -5.30
CA ASN A 992 8.98 -25.18 -6.24
C ASN A 992 9.10 -26.64 -5.85
N PRO A 993 8.84 -27.57 -6.79
CA PRO A 993 8.85 -29.00 -6.43
C PRO A 993 10.23 -29.60 -6.26
N LEU A 994 10.82 -29.42 -5.08
CA LEU A 994 12.08 -30.07 -4.71
C LEU A 994 11.89 -31.25 -3.77
N GLY A 995 10.66 -31.74 -3.61
CA GLY A 995 10.28 -32.64 -2.54
C GLY A 995 11.14 -33.86 -2.23
N SER A 996 11.21 -34.82 -3.15
CA SER A 996 11.79 -36.12 -2.78
C SER A 996 13.31 -36.06 -2.72
N SER A 997 13.96 -35.81 -3.86
CA SER A 997 15.42 -35.84 -3.91
C SER A 997 16.03 -34.47 -3.66
N GLY A 998 15.38 -33.41 -4.14
CA GLY A 998 15.96 -32.08 -4.04
C GLY A 998 16.14 -31.64 -2.59
N VAL A 999 15.12 -31.87 -1.76
CA VAL A 999 15.19 -31.48 -0.36
C VAL A 999 16.31 -32.24 0.35
N LYS A 1000 16.40 -33.55 0.11
CA LYS A 1000 17.43 -34.35 0.77
C LYS A 1000 18.83 -33.91 0.37
N MET A 1001 19.05 -33.72 -0.94
CA MET A 1001 20.36 -33.29 -1.40
C MET A 1001 20.71 -31.92 -0.85
N LEU A 1002 19.74 -31.00 -0.84
CA LEU A 1002 19.98 -29.67 -0.29
C LEU A 1002 20.36 -29.74 1.19
N PHE A 1003 19.65 -30.56 1.96
CA PHE A 1003 19.96 -30.65 3.39
C PHE A 1003 21.32 -31.28 3.61
N GLU A 1004 21.67 -32.30 2.83
CA GLU A 1004 22.98 -32.90 2.96
C GLU A 1004 24.10 -31.91 2.63
N THR A 1005 23.92 -31.13 1.56
CA THR A 1005 24.91 -30.11 1.23
C THR A 1005 24.99 -29.04 2.31
N LEU A 1006 23.84 -28.65 2.88
CA LEU A 1006 23.85 -27.66 3.95
C LEU A 1006 24.61 -28.17 5.17
N THR A 1007 24.47 -29.46 5.48
CA THR A 1007 25.31 -30.06 6.51
C THR A 1007 26.78 -29.99 6.13
N CYS A 1008 27.09 -30.30 4.87
CA CYS A 1008 28.49 -30.28 4.44
C CYS A 1008 29.05 -28.87 4.35
N SER A 1009 28.28 -27.91 3.87
CA SER A 1009 28.79 -26.58 3.62
C SER A 1009 28.65 -25.68 4.84
N SER A 1010 29.36 -24.55 4.79
CA SER A 1010 29.37 -23.57 5.88
C SER A 1010 29.20 -22.17 5.29
N GLY A 1011 28.23 -22.02 4.39
CA GLY A 1011 28.02 -20.76 3.69
C GLY A 1011 27.62 -19.63 4.62
N THR A 1012 27.78 -18.42 4.12
CA THR A 1012 27.56 -17.22 4.92
C THR A 1012 26.10 -16.81 5.03
N LEU A 1013 25.20 -17.45 4.26
CA LEU A 1013 23.80 -17.07 4.31
C LEU A 1013 23.22 -17.34 5.69
N ARG A 1014 22.42 -16.38 6.19
CA ARG A 1014 21.85 -16.49 7.53
C ARG A 1014 20.44 -17.08 7.50
N THR A 1015 19.56 -16.51 6.70
CA THR A 1015 18.15 -16.89 6.68
C THR A 1015 17.86 -17.74 5.46
N LEU A 1016 17.17 -18.86 5.67
CA LEU A 1016 16.75 -19.74 4.59
C LEU A 1016 15.33 -20.19 4.87
N ARG A 1017 14.48 -20.16 3.85
CA ARG A 1017 13.09 -20.56 3.97
C ARG A 1017 12.72 -21.47 2.81
N LEU A 1018 11.95 -22.51 3.12
CA LEU A 1018 11.59 -23.53 2.14
C LEU A 1018 10.32 -24.22 2.61
N LYS A 1019 9.64 -24.88 1.67
CA LYS A 1019 8.43 -25.64 1.95
C LYS A 1019 8.70 -27.10 1.65
N ILE A 1020 8.21 -27.99 2.50
CA ILE A 1020 8.46 -29.42 2.40
C ILE A 1020 7.13 -30.13 2.18
N ASP A 1021 7.06 -30.93 1.12
CA ASP A 1021 5.85 -31.72 0.85
C ASP A 1021 5.59 -32.72 1.97
N ASP A 1022 6.62 -33.41 2.42
CA ASP A 1022 6.50 -34.38 3.51
C ASP A 1022 7.89 -34.65 4.08
N PHE A 1023 7.95 -34.88 5.38
CA PHE A 1023 9.21 -35.08 6.09
C PHE A 1023 9.19 -36.41 6.84
N ASN A 1024 10.37 -36.92 7.15
CA ASN A 1024 10.54 -38.17 7.86
C ASN A 1024 11.57 -38.01 8.96
N ASP A 1025 11.83 -39.09 9.70
CA ASP A 1025 12.79 -39.06 10.79
C ASP A 1025 14.19 -38.73 10.27
N GLU A 1026 14.57 -39.30 9.12
CA GLU A 1026 15.86 -38.98 8.54
C GLU A 1026 15.98 -37.50 8.23
N LEU A 1027 14.89 -36.87 7.77
CA LEU A 1027 14.92 -35.44 7.55
C LEU A 1027 15.07 -34.67 8.87
N ASN A 1028 14.49 -35.19 9.96
CA ASN A 1028 14.62 -34.52 11.25
C ASN A 1028 16.06 -34.57 11.77
N LYS A 1029 16.68 -35.75 11.69
CA LYS A 1029 18.08 -35.84 12.08
C LYS A 1029 18.98 -35.04 11.14
N LEU A 1030 18.58 -34.91 9.88
CA LEU A 1030 19.30 -34.02 8.96
C LEU A 1030 19.19 -32.57 9.41
N LEU A 1031 18.01 -32.16 9.90
CA LEU A 1031 17.85 -30.81 10.42
C LEU A 1031 18.73 -30.59 11.65
N GLU A 1032 18.81 -31.60 12.52
CA GLU A 1032 19.71 -31.49 13.68
C GLU A 1032 21.16 -31.37 13.23
N GLU A 1033 21.55 -32.13 12.20
CA GLU A 1033 22.91 -32.03 11.68
C GLU A 1033 23.16 -30.67 11.04
N ILE A 1034 22.16 -30.10 10.37
CA ILE A 1034 22.28 -28.75 9.82
C ILE A 1034 22.52 -27.76 10.94
N GLU A 1035 21.75 -27.87 12.02
CA GLU A 1035 21.92 -26.95 13.15
C GLU A 1035 23.30 -27.08 13.77
N GLU A 1036 23.78 -28.31 13.95
CA GLU A 1036 25.05 -28.50 14.64
C GLU A 1036 26.24 -28.15 13.76
N LYS A 1037 26.11 -28.32 12.43
CA LYS A 1037 27.23 -28.02 11.54
C LYS A 1037 27.39 -26.52 11.33
N ASN A 1038 26.30 -25.77 11.34
CA ASN A 1038 26.36 -24.31 11.26
C ASN A 1038 25.34 -23.69 12.19
N PRO A 1039 25.78 -22.93 13.21
CA PRO A 1039 24.85 -22.42 14.22
C PRO A 1039 24.17 -21.10 13.85
N GLN A 1040 24.81 -20.28 13.02
CA GLN A 1040 24.30 -18.95 12.75
C GLN A 1040 23.07 -18.96 11.85
N LEU A 1041 22.84 -20.03 11.10
CA LEU A 1041 21.68 -20.12 10.23
C LEU A 1041 20.38 -20.13 11.04
N ILE A 1042 19.33 -19.57 10.46
CA ILE A 1042 17.97 -19.65 10.99
C ILE A 1042 17.09 -20.10 9.84
N ILE A 1043 16.77 -21.39 9.80
CA ILE A 1043 16.06 -22.00 8.67
C ILE A 1043 14.61 -22.21 9.05
N ASP A 1044 13.71 -21.77 8.19
CA ASP A 1044 12.28 -21.91 8.44
C ASP A 1044 11.66 -22.98 7.55
N SER A 1057 9.79 -8.14 2.45
CA SER A 1057 10.94 -7.37 2.92
C SER A 1057 11.38 -6.34 1.90
N HIS A 1058 11.42 -6.74 0.62
CA HIS A 1058 11.78 -5.81 -0.43
C HIS A 1058 10.77 -4.69 -0.57
N ASP A 1059 9.48 -5.02 -0.47
CA ASP A 1059 8.45 -3.99 -0.46
C ASP A 1059 8.54 -3.12 0.79
N PHE A 1060 9.06 -3.68 1.88
CA PHE A 1060 9.30 -2.88 3.08
C PHE A 1060 10.40 -1.85 2.85
N MET A 1061 11.42 -2.21 2.08
CA MET A 1061 12.54 -1.29 1.86
C MET A 1061 12.16 -0.15 0.91
N ILE A 1062 11.36 -0.44 -0.11
CA ILE A 1062 10.95 0.59 -1.06
C ILE A 1062 9.72 1.33 -0.52
N LYS B 269 38.68 27.12 -47.12
CA LYS B 269 37.56 27.07 -48.05
C LYS B 269 36.49 26.09 -47.58
N ARG B 270 35.29 26.22 -48.14
CA ARG B 270 34.19 25.34 -47.78
C ARG B 270 34.40 23.93 -48.29
N LEU B 271 35.29 23.74 -49.26
CA LEU B 271 35.55 22.41 -49.81
C LEU B 271 36.08 21.45 -48.76
N ALA B 272 36.66 21.98 -47.67
CA ALA B 272 37.19 21.13 -46.62
C ALA B 272 36.11 20.28 -45.95
N VAL B 273 34.87 20.75 -45.95
CA VAL B 273 33.76 20.01 -45.33
C VAL B 273 33.49 18.75 -46.15
N PRO B 274 33.41 17.58 -45.52
CA PRO B 274 33.24 16.33 -46.29
C PRO B 274 31.83 16.22 -46.85
N CYS B 275 31.64 15.16 -47.63
CA CYS B 275 30.35 14.89 -48.25
C CYS B 275 29.83 13.48 -47.98
N LYS B 276 30.71 12.48 -47.95
CA LYS B 276 30.27 11.08 -47.85
C LYS B 276 31.20 10.29 -46.94
N LEU B 277 30.61 9.40 -46.15
CA LEU B 277 31.34 8.44 -45.33
C LEU B 277 30.85 7.03 -45.65
N GLU B 278 31.80 6.12 -45.86
CA GLU B 278 31.50 4.72 -46.15
C GLU B 278 32.52 3.83 -45.45
N LYS B 279 32.13 2.58 -45.20
CA LYS B 279 33.00 1.66 -44.48
C LYS B 279 32.72 0.23 -44.90
N MET B 280 33.80 -0.58 -44.97
CA MET B 280 33.70 -2.04 -45.01
C MET B 280 34.88 -2.57 -44.17
N ARG B 281 34.65 -2.65 -42.86
CA ARG B 281 35.62 -3.09 -41.86
C ARG B 281 34.87 -3.32 -40.56
N ILE B 282 35.11 -4.47 -39.93
CA ILE B 282 34.46 -4.81 -38.66
C ILE B 282 35.50 -5.46 -37.75
N LEU B 283 35.54 -5.02 -36.50
CA LEU B 283 36.42 -5.59 -35.49
C LEU B 283 35.57 -6.18 -34.37
N ALA B 284 35.82 -7.45 -34.04
CA ALA B 284 35.10 -8.15 -32.98
C ALA B 284 35.99 -8.17 -31.74
N HIS B 285 35.68 -7.33 -30.77
CA HIS B 285 36.50 -7.25 -29.56
C HIS B 285 36.22 -8.42 -28.63
N GLY B 286 34.98 -8.90 -28.59
CA GLY B 286 34.58 -9.98 -27.71
C GLY B 286 33.89 -9.53 -26.44
N GLU B 287 34.02 -8.26 -26.08
CA GLU B 287 33.32 -7.69 -24.95
C GLU B 287 33.08 -6.22 -25.23
N LEU B 288 32.21 -5.60 -24.43
CA LEU B 288 31.86 -4.20 -24.64
C LEU B 288 33.09 -3.32 -24.58
N VAL B 289 33.21 -2.40 -25.54
CA VAL B 289 34.37 -1.53 -25.69
C VAL B 289 34.05 -0.18 -25.06
N LEU B 290 35.04 0.42 -24.41
CA LEU B 290 34.85 1.67 -23.69
C LEU B 290 35.67 2.82 -24.23
N ALA B 291 36.61 2.57 -25.15
CA ALA B 291 37.41 3.63 -25.75
C ALA B 291 38.03 3.12 -27.04
N THR B 292 38.38 4.06 -27.92
CA THR B 292 39.01 3.74 -29.20
C THR B 292 40.05 4.81 -29.52
N ALA B 293 41.01 4.44 -30.37
CA ALA B 293 42.01 5.36 -30.88
C ALA B 293 42.53 4.84 -32.21
N ILE B 294 43.04 5.75 -33.03
CA ILE B 294 43.51 5.42 -34.37
C ILE B 294 44.82 6.15 -34.63
N SER B 295 45.77 5.46 -35.27
CA SER B 295 47.07 6.06 -35.58
C SER B 295 46.92 7.07 -36.71
N SER B 296 47.70 8.15 -36.62
CA SER B 296 47.65 9.19 -37.65
C SER B 296 48.06 8.65 -39.01
N PHE B 297 49.04 7.74 -39.05
CA PHE B 297 49.48 7.15 -40.30
C PHE B 297 48.44 6.23 -40.92
N THR B 298 47.33 5.98 -40.22
CA THR B 298 46.25 5.11 -40.70
C THR B 298 46.75 3.68 -40.95
N ARG B 299 47.25 3.06 -39.88
CA ARG B 299 47.81 1.72 -39.99
C ARG B 299 47.19 0.76 -38.99
N HIS B 300 46.90 1.24 -37.78
CA HIS B 300 46.44 0.40 -36.68
C HIS B 300 45.24 1.04 -36.00
N VAL B 301 44.44 0.20 -35.35
CA VAL B 301 43.33 0.63 -34.50
C VAL B 301 43.49 0.00 -33.13
N PHE B 302 43.26 0.78 -32.08
CA PHE B 302 43.41 0.33 -30.71
C PHE B 302 42.07 0.41 -30.01
N THR B 303 41.63 -0.69 -29.41
CA THR B 303 40.38 -0.75 -28.66
C THR B 303 40.66 -1.15 -27.23
N CYS B 304 40.06 -0.43 -26.29
CA CYS B 304 40.20 -0.70 -24.86
C CYS B 304 38.95 -1.39 -24.35
N GLY B 305 39.11 -2.54 -23.70
CA GLY B 305 38.03 -3.27 -23.08
C GLY B 305 38.01 -3.09 -21.58
N ARG B 306 37.29 -4.00 -20.91
CA ARG B 306 37.18 -3.96 -19.45
C ARG B 306 38.36 -4.59 -18.73
N ARG B 307 39.16 -5.43 -19.42
CA ARG B 307 40.25 -6.13 -18.76
C ARG B 307 41.57 -6.15 -19.54
N GLY B 308 41.56 -5.79 -20.83
CA GLY B 308 42.80 -5.80 -21.60
C GLY B 308 42.68 -4.98 -22.87
N ILE B 309 43.84 -4.54 -23.36
CA ILE B 309 43.94 -3.78 -24.60
C ILE B 309 44.27 -4.74 -25.74
N LYS B 310 43.68 -4.52 -26.90
CA LYS B 310 43.94 -5.33 -28.08
C LYS B 310 44.33 -4.42 -29.24
N VAL B 311 45.35 -4.83 -29.99
CA VAL B 311 45.91 -4.02 -31.08
C VAL B 311 45.61 -4.72 -32.40
N TRP B 312 45.16 -3.95 -33.38
CA TRP B 312 44.64 -4.48 -34.64
C TRP B 312 45.29 -3.77 -35.81
N SER B 313 45.31 -4.43 -36.96
CA SER B 313 45.95 -3.91 -38.16
C SER B 313 44.94 -3.66 -39.27
N LEU B 314 45.10 -2.54 -39.98
CA LEU B 314 44.23 -2.19 -41.09
C LEU B 314 44.72 -2.71 -42.43
N THR B 315 45.98 -3.11 -42.52
CA THR B 315 46.58 -3.51 -43.80
C THR B 315 46.05 -4.88 -44.24
N GLY B 316 44.78 -4.89 -44.62
CA GLY B 316 44.14 -6.10 -45.11
C GLY B 316 42.79 -5.79 -45.71
N GLN B 317 42.30 -6.74 -46.49
CA GLN B 317 40.99 -6.65 -47.13
C GLN B 317 39.92 -7.47 -46.43
N VAL B 318 40.20 -7.97 -45.23
CA VAL B 318 39.25 -8.83 -44.52
C VAL B 318 38.03 -8.02 -44.10
N ALA B 319 36.84 -8.55 -44.39
CA ALA B 319 35.61 -7.85 -44.03
C ALA B 319 35.44 -7.76 -42.52
N GLU B 320 35.59 -8.88 -41.82
CA GLU B 320 35.50 -8.91 -40.37
C GLU B 320 36.58 -9.84 -39.82
N ASP B 321 37.32 -9.37 -38.82
CA ASP B 321 38.38 -10.16 -38.21
C ASP B 321 38.10 -10.32 -36.72
N ARG B 322 38.31 -11.54 -36.23
CA ARG B 322 38.12 -11.88 -34.83
C ARG B 322 39.42 -12.04 -34.06
N PHE B 323 40.57 -11.89 -34.72
CA PHE B 323 41.86 -12.12 -34.10
C PHE B 323 42.72 -10.86 -34.16
N PRO B 324 43.19 -10.36 -33.03
CA PRO B 324 44.08 -9.19 -33.04
C PRO B 324 45.52 -9.61 -33.33
N GLU B 325 46.34 -8.61 -33.64
CA GLU B 325 47.76 -8.84 -33.80
C GLU B 325 48.45 -9.07 -32.47
N SER B 326 47.83 -8.65 -31.37
CA SER B 326 48.37 -8.85 -30.03
C SER B 326 47.25 -8.67 -29.02
N HIS B 327 47.43 -9.25 -27.84
CA HIS B 327 46.54 -9.08 -26.70
C HIS B 327 47.36 -8.66 -25.51
N LEU B 328 47.03 -7.52 -24.92
CA LEU B 328 47.82 -6.93 -23.85
C LEU B 328 46.98 -6.88 -22.58
N PRO B 329 47.08 -7.87 -21.69
CA PRO B 329 46.21 -7.91 -20.51
C PRO B 329 46.82 -7.29 -19.28
N ILE B 330 45.97 -7.01 -18.27
CA ILE B 330 46.41 -6.58 -16.95
C ILE B 330 46.14 -7.73 -15.99
N GLN B 331 47.03 -7.91 -15.01
CA GLN B 331 46.99 -9.10 -14.17
C GLN B 331 46.84 -8.78 -12.67
N THR B 332 46.57 -7.52 -12.32
CA THR B 332 46.31 -7.20 -10.93
C THR B 332 44.94 -7.78 -10.54
N PRO B 333 44.85 -8.48 -9.41
CA PRO B 333 43.56 -9.06 -9.01
C PRO B 333 42.51 -7.98 -8.80
N GLY B 334 41.33 -8.18 -9.39
CA GLY B 334 40.28 -7.19 -9.29
C GLY B 334 40.51 -5.93 -10.09
N ALA B 335 41.35 -6.00 -11.12
CA ALA B 335 41.64 -4.82 -11.92
C ALA B 335 40.48 -4.49 -12.84
N PHE B 336 40.51 -3.29 -13.40
CA PHE B 336 39.44 -2.79 -14.25
C PHE B 336 39.97 -1.65 -15.09
N LEU B 337 39.96 -1.82 -16.41
CA LEU B 337 40.40 -0.80 -17.35
C LEU B 337 39.22 0.08 -17.77
N ARG B 338 39.52 1.35 -18.05
CA ARG B 338 38.45 2.29 -18.38
C ARG B 338 38.69 3.12 -19.63
N THR B 339 39.92 3.43 -20.00
CA THR B 339 40.17 4.38 -21.08
C THR B 339 41.55 4.14 -21.69
N CYS B 340 41.71 4.63 -22.91
CA CYS B 340 42.99 4.59 -23.61
C CYS B 340 43.13 5.85 -24.44
N LEU B 341 44.37 6.29 -24.66
CA LEU B 341 44.64 7.49 -25.44
C LEU B 341 45.90 7.29 -26.26
N LEU B 342 45.88 7.82 -27.48
CA LEU B 342 47.03 7.79 -28.37
C LEU B 342 47.48 9.21 -28.67
N SER B 343 48.77 9.46 -28.59
CA SER B 343 49.30 10.78 -28.89
C SER B 343 49.33 11.02 -30.40
N SER B 344 49.55 12.29 -30.78
CA SER B 344 49.48 12.69 -32.18
C SER B 344 50.54 12.01 -33.02
N ASN B 345 51.78 11.89 -32.49
CA ASN B 345 52.89 11.38 -33.27
C ASN B 345 52.82 9.87 -33.51
N SER B 346 51.79 9.19 -33.03
CA SER B 346 51.62 7.75 -33.20
C SER B 346 52.78 6.96 -32.58
N ARG B 347 53.25 7.42 -31.41
CA ARG B 347 54.40 6.83 -30.74
C ARG B 347 54.05 6.19 -29.40
N SER B 348 53.37 6.93 -28.52
CA SER B 348 53.11 6.47 -27.16
C SER B 348 51.61 6.31 -26.92
N LEU B 349 51.23 5.25 -26.23
CA LEU B 349 49.83 4.96 -25.90
C LEU B 349 49.66 4.93 -24.39
N LEU B 350 48.66 5.64 -23.89
CA LEU B 350 48.40 5.74 -22.46
C LEU B 350 47.17 4.93 -22.09
N THR B 351 47.14 4.45 -20.85
CA THR B 351 46.06 3.59 -20.38
C THR B 351 45.85 3.81 -18.89
N GLY B 352 44.62 3.61 -18.44
CA GLY B 352 44.28 3.76 -17.04
C GLY B 352 42.94 3.13 -16.77
N GLY B 353 42.67 2.88 -15.48
CA GLY B 353 41.44 2.19 -15.13
C GLY B 353 41.14 2.26 -13.65
N TYR B 354 40.27 1.35 -13.22
CA TYR B 354 39.85 1.24 -11.84
C TYR B 354 40.64 0.17 -11.11
N ASN B 355 40.84 0.39 -9.80
CA ASN B 355 41.52 -0.57 -8.92
C ASN B 355 42.93 -0.90 -9.44
N LEU B 356 43.61 0.10 -9.96
CA LEU B 356 45.00 -0.05 -10.39
C LEU B 356 45.88 0.91 -9.61
N ALA B 357 47.10 0.48 -9.32
CA ALA B 357 48.02 1.28 -8.54
C ALA B 357 48.85 2.22 -9.38
N SER B 358 48.77 2.13 -10.71
CA SER B 358 49.61 2.97 -11.55
C SER B 358 48.98 3.13 -12.93
N VAL B 359 49.43 4.16 -13.65
CA VAL B 359 49.11 4.36 -15.05
C VAL B 359 50.32 3.94 -15.88
N SER B 360 50.07 3.53 -17.12
CA SER B 360 51.11 2.97 -17.97
C SER B 360 51.28 3.78 -19.25
N VAL B 361 52.49 3.70 -19.81
CA VAL B 361 52.80 4.22 -21.13
C VAL B 361 53.39 3.07 -21.95
N TRP B 362 52.92 2.92 -23.18
CA TRP B 362 53.34 1.84 -24.05
C TRP B 362 53.95 2.42 -25.31
N ASP B 363 55.06 1.85 -25.76
CA ASP B 363 55.83 2.37 -26.88
C ASP B 363 55.61 1.49 -28.11
N LEU B 364 55.42 2.13 -29.26
CA LEU B 364 55.12 1.43 -30.50
C LEU B 364 56.30 1.36 -31.45
N ALA B 365 57.35 2.15 -31.22
CA ALA B 365 58.44 2.27 -32.19
C ALA B 365 59.36 1.05 -32.20
N ALA B 366 59.53 0.39 -31.06
CA ALA B 366 60.45 -0.73 -30.97
C ALA B 366 59.94 -1.91 -31.80
N PRO B 367 60.84 -2.81 -32.23
CA PRO B 367 60.40 -3.93 -33.07
C PRO B 367 59.40 -4.87 -32.40
N SER B 368 59.35 -4.91 -31.07
CA SER B 368 58.37 -5.72 -30.36
C SER B 368 57.71 -4.87 -29.28
N LEU B 369 56.43 -5.12 -29.03
CA LEU B 369 55.69 -4.34 -28.04
C LEU B 369 56.26 -4.53 -26.64
N HIS B 370 56.80 -3.45 -26.08
CA HIS B 370 57.35 -3.46 -24.74
C HIS B 370 56.74 -2.31 -23.94
N VAL B 371 56.65 -2.52 -22.64
CA VAL B 371 56.07 -1.53 -21.74
C VAL B 371 57.13 -0.54 -21.31
N LYS B 372 56.68 0.67 -20.98
CA LYS B 372 57.54 1.76 -20.54
C LYS B 372 57.26 2.09 -19.09
N GLU B 373 57.79 3.23 -18.65
CA GLU B 373 57.70 3.67 -17.26
C GLU B 373 56.24 3.83 -16.83
N GLN B 374 56.06 3.84 -15.50
CA GLN B 374 54.75 3.90 -14.87
C GLN B 374 54.75 4.98 -13.81
N LEU B 375 53.58 5.53 -13.51
CA LEU B 375 53.41 6.49 -12.43
C LEU B 375 52.24 6.11 -11.56
N PRO B 376 52.30 6.38 -10.26
CA PRO B 376 51.29 5.84 -9.33
C PRO B 376 50.02 6.67 -9.23
N CYS B 377 48.89 5.99 -9.04
CA CYS B 377 47.60 6.62 -8.80
C CYS B 377 46.80 5.87 -7.75
N ALA B 378 47.49 5.28 -6.76
CA ALA B 378 46.84 4.39 -5.81
C ALA B 378 45.76 5.10 -5.02
N GLY B 379 44.67 4.39 -4.73
CA GLY B 379 43.56 4.93 -3.98
C GLY B 379 42.57 5.74 -4.79
N LEU B 380 42.77 5.84 -6.11
CA LEU B 380 41.92 6.65 -6.96
C LEU B 380 41.57 5.87 -8.22
N ASN B 381 40.45 6.25 -8.82
CA ASN B 381 40.03 5.72 -10.11
C ASN B 381 39.90 6.88 -11.09
N CYS B 382 40.38 6.68 -12.31
CA CYS B 382 40.52 7.77 -13.26
C CYS B 382 39.67 7.53 -14.50
N GLN B 383 38.97 8.59 -14.96
CA GLN B 383 38.35 8.60 -16.27
C GLN B 383 38.64 9.96 -16.95
N ALA B 384 39.84 10.08 -17.51
CA ALA B 384 40.24 11.23 -18.32
C ALA B 384 41.63 10.98 -18.89
N LEU B 385 41.86 11.39 -20.13
CA LEU B 385 43.16 11.23 -20.75
C LEU B 385 43.37 12.33 -21.78
N ASP B 386 44.40 13.15 -21.56
CA ASP B 386 44.80 14.17 -22.52
C ASP B 386 46.30 14.39 -22.36
N ALA B 387 46.97 14.67 -23.47
CA ALA B 387 48.42 14.78 -23.47
C ALA B 387 48.86 15.96 -24.33
N ASN B 388 49.75 16.78 -23.79
CA ASN B 388 50.41 17.84 -24.54
C ASN B 388 51.78 17.30 -24.97
N LEU B 389 51.87 16.86 -26.22
CA LEU B 389 53.03 16.11 -26.67
C LEU B 389 54.31 16.92 -26.59
N ASP B 390 54.30 18.14 -27.16
CA ASP B 390 55.53 18.92 -27.23
C ASP B 390 56.02 19.32 -25.84
N ALA B 391 55.11 19.58 -24.92
CA ALA B 391 55.51 19.90 -23.55
C ALA B 391 55.76 18.65 -22.70
N ASN B 392 55.48 17.46 -23.25
CA ASN B 392 55.69 16.20 -22.56
C ASN B 392 54.91 16.15 -21.25
N LEU B 393 53.61 16.40 -21.34
CA LEU B 393 52.71 16.41 -20.20
C LEU B 393 51.48 15.56 -20.50
N ALA B 394 50.94 14.93 -19.45
CA ALA B 394 49.73 14.13 -19.55
C ALA B 394 48.74 14.56 -18.47
N PHE B 395 47.45 14.43 -18.77
CA PHE B 395 46.39 14.93 -17.91
C PHE B 395 45.40 13.82 -17.61
N ALA B 396 44.97 13.73 -16.35
CA ALA B 396 43.95 12.76 -15.96
C ALA B 396 43.10 13.34 -14.83
N SER B 397 41.84 12.92 -14.78
CA SER B 397 40.90 13.31 -13.74
C SER B 397 40.31 12.07 -13.09
N PHE B 398 39.96 12.21 -11.80
CA PHE B 398 39.53 11.08 -10.99
C PHE B 398 38.14 11.32 -10.43
N THR B 399 37.46 10.23 -10.05
CA THR B 399 36.09 10.31 -9.57
C THR B 399 35.95 11.17 -8.32
N SER B 400 37.02 11.30 -7.53
CA SER B 400 37.00 12.21 -6.40
C SER B 400 36.89 13.67 -6.81
N GLY B 401 37.13 13.98 -8.08
CA GLY B 401 37.05 15.33 -8.57
C GLY B 401 38.37 16.06 -8.51
N VAL B 402 39.44 15.34 -8.89
CA VAL B 402 40.79 15.90 -8.88
C VAL B 402 41.41 15.68 -10.26
N VAL B 403 42.20 16.66 -10.69
CA VAL B 403 42.93 16.58 -11.96
C VAL B 403 44.41 16.73 -11.65
N ARG B 404 45.22 15.80 -12.15
CA ARG B 404 46.64 15.77 -11.88
C ARG B 404 47.42 15.63 -13.18
N ILE B 405 48.60 16.24 -13.21
CA ILE B 405 49.42 16.32 -14.42
C ILE B 405 50.70 15.52 -14.19
N TRP B 406 51.03 14.67 -15.16
CA TRP B 406 52.24 13.87 -15.13
C TRP B 406 53.19 14.33 -16.23
N ASP B 407 54.48 14.16 -16.00
CA ASP B 407 55.50 14.48 -16.99
C ASP B 407 55.99 13.19 -17.63
N LEU B 408 55.94 13.12 -18.96
CA LEU B 408 56.35 11.93 -19.67
C LEU B 408 57.85 11.84 -19.89
N ARG B 409 58.59 12.92 -19.63
CA ARG B 409 60.02 12.94 -19.89
C ARG B 409 60.83 12.48 -18.69
N ASP B 410 60.70 13.16 -17.56
CA ASP B 410 61.45 12.83 -16.35
C ASP B 410 60.59 12.18 -15.28
N GLN B 411 59.34 11.86 -15.59
CA GLN B 411 58.44 11.11 -14.71
C GLN B 411 58.14 11.86 -13.42
N SER B 412 58.05 13.18 -13.49
CA SER B 412 57.71 13.99 -12.32
C SER B 412 56.22 14.33 -12.33
N VAL B 413 55.66 14.48 -11.13
CA VAL B 413 54.23 14.71 -10.95
C VAL B 413 54.05 15.98 -10.14
N VAL B 414 53.45 17.01 -10.76
CA VAL B 414 53.15 18.24 -10.03
C VAL B 414 51.86 18.87 -10.54
N ARG B 415 50.76 18.68 -9.80
CA ARG B 415 49.48 19.31 -10.09
C ARG B 415 48.44 18.97 -9.05
N ASP B 416 47.53 19.91 -8.76
CA ASP B 416 46.41 19.66 -7.85
C ASP B 416 45.27 20.60 -8.25
N LEU B 417 44.33 20.08 -9.03
CA LEU B 417 43.14 20.82 -9.45
C LEU B 417 41.93 20.04 -8.97
N LYS B 418 41.26 20.53 -7.93
CA LYS B 418 40.14 19.83 -7.33
C LYS B 418 39.19 20.87 -6.74
N GLY B 419 38.25 20.40 -5.92
CA GLY B 419 37.29 21.28 -5.29
C GLY B 419 35.86 20.88 -5.57
N TYR B 420 35.60 20.37 -6.78
CA TYR B 420 34.27 19.94 -7.17
C TYR B 420 34.26 18.44 -7.39
N PRO B 421 33.49 17.66 -6.62
CA PRO B 421 33.40 16.22 -6.88
C PRO B 421 32.88 15.89 -8.27
N ASP B 422 32.04 16.76 -8.84
CA ASP B 422 31.46 16.57 -10.16
C ASP B 422 32.11 17.52 -11.15
N GLY B 423 31.66 17.41 -12.40
CA GLY B 423 32.12 18.30 -13.45
C GLY B 423 33.41 17.90 -14.11
N VAL B 424 33.96 16.73 -13.80
CA VAL B 424 35.26 16.32 -14.30
C VAL B 424 35.15 15.09 -15.21
N LYS B 425 33.99 14.88 -15.83
CA LYS B 425 33.84 13.70 -16.69
C LYS B 425 34.56 13.84 -18.02
N SER B 426 34.78 15.06 -18.50
CA SER B 426 35.39 15.27 -19.80
C SER B 426 36.51 16.30 -19.67
N ILE B 427 37.55 16.13 -20.49
CA ILE B 427 38.75 16.96 -20.43
C ILE B 427 39.16 17.34 -21.84
N VAL B 428 39.45 18.64 -22.02
CA VAL B 428 40.02 19.16 -23.26
C VAL B 428 41.03 20.24 -22.88
N VAL B 429 42.19 20.22 -23.53
CA VAL B 429 43.29 21.12 -23.22
C VAL B 429 43.69 21.88 -24.47
N LYS B 430 43.89 23.20 -24.33
CA LYS B 430 44.32 24.07 -25.42
C LYS B 430 45.42 24.98 -24.89
N GLY B 431 46.66 24.65 -25.22
CA GLY B 431 47.80 25.43 -24.75
C GLY B 431 47.95 25.41 -23.24
N TYR B 432 47.67 26.55 -22.61
CA TYR B 432 47.76 26.69 -21.16
C TYR B 432 46.39 26.68 -20.49
N ASN B 433 45.34 26.27 -21.20
CA ASN B 433 43.99 26.23 -20.65
C ASN B 433 43.44 24.81 -20.69
N ILE B 434 42.68 24.44 -19.66
CA ILE B 434 42.03 23.15 -19.57
C ILE B 434 40.54 23.36 -19.37
N TRP B 435 39.72 22.69 -20.18
CA TRP B 435 38.27 22.82 -20.13
C TRP B 435 37.67 21.54 -19.56
N THR B 436 36.72 21.71 -18.63
CA THR B 436 36.11 20.59 -17.92
C THR B 436 34.59 20.71 -18.00
N GLY B 437 33.92 19.57 -17.88
CA GLY B 437 32.47 19.53 -17.89
C GLY B 437 31.96 18.26 -17.27
N GLY B 438 30.74 18.32 -16.73
CA GLY B 438 30.16 17.16 -16.09
C GLY B 438 28.67 17.25 -15.85
N PRO B 439 28.20 16.56 -14.80
CA PRO B 439 26.75 16.47 -14.57
C PRO B 439 26.14 17.73 -13.96
N ASP B 440 26.95 18.63 -13.40
CA ASP B 440 26.41 19.85 -12.81
C ASP B 440 25.87 20.82 -13.84
N ALA B 441 25.87 20.47 -15.13
CA ALA B 441 25.46 21.32 -16.24
C ALA B 441 26.33 22.57 -16.35
N CYS B 442 27.45 22.61 -15.64
CA CYS B 442 28.33 23.75 -15.62
C CYS B 442 29.60 23.46 -16.39
N LEU B 443 30.15 24.51 -17.01
CA LEU B 443 31.40 24.43 -17.74
C LEU B 443 32.43 25.31 -17.06
N ARG B 444 33.66 24.82 -16.95
CA ARG B 444 34.73 25.54 -16.29
C ARG B 444 35.98 25.52 -17.16
N CYS B 445 36.74 26.61 -17.09
CA CYS B 445 37.99 26.75 -17.82
C CYS B 445 39.10 27.13 -16.83
N TRP B 446 40.20 26.40 -16.87
CA TRP B 446 41.28 26.56 -15.93
C TRP B 446 42.51 27.14 -16.62
N ASP B 447 43.42 27.70 -15.82
CA ASP B 447 44.68 28.24 -16.30
C ASP B 447 45.82 27.53 -15.59
N GLN B 448 46.71 26.91 -16.35
CA GLN B 448 47.83 26.17 -15.76
C GLN B 448 48.85 27.08 -15.10
N ARG B 449 48.87 28.37 -15.46
CA ARG B 449 49.88 29.31 -15.01
C ARG B 449 49.49 30.05 -13.73
N THR B 450 48.29 29.79 -13.19
CA THR B 450 47.78 30.52 -12.05
C THR B 450 47.30 29.54 -10.98
N ILE B 451 47.31 30.01 -9.74
CA ILE B 451 46.81 29.24 -8.61
C ILE B 451 45.42 29.71 -8.19
N MET B 452 44.72 30.43 -9.06
CA MET B 452 43.43 31.00 -8.75
C MET B 452 42.29 30.05 -9.15
N LYS B 453 41.06 30.47 -8.84
CA LYS B 453 39.89 29.70 -9.17
C LYS B 453 39.56 29.83 -10.66
N PRO B 454 38.87 28.85 -11.24
CA PRO B 454 38.54 28.90 -12.66
C PRO B 454 37.35 29.82 -12.92
N LEU B 455 36.97 29.91 -14.19
CA LEU B 455 35.85 30.73 -14.63
C LEU B 455 34.67 29.83 -14.96
N GLU B 456 33.49 30.17 -14.44
CA GLU B 456 32.32 29.32 -14.55
C GLU B 456 31.38 29.83 -15.63
N TYR B 457 30.83 28.91 -16.39
CA TYR B 457 29.74 29.18 -17.33
C TYR B 457 28.63 28.18 -17.04
N GLN B 458 27.39 28.66 -16.97
CA GLN B 458 26.27 27.88 -16.49
C GLN B 458 25.32 27.55 -17.63
N PHE B 459 25.02 26.27 -17.79
CA PHE B 459 24.08 25.77 -18.79
C PHE B 459 22.93 25.04 -18.09
N LYS B 460 21.96 24.60 -18.89
CA LYS B 460 20.74 24.01 -18.35
C LYS B 460 20.54 22.55 -18.74
N SER B 461 21.63 21.83 -19.01
CA SER B 461 21.54 20.39 -19.24
C SER B 461 22.92 19.78 -19.01
N GLN B 462 22.93 18.49 -18.67
CA GLN B 462 24.18 17.81 -18.34
C GLN B 462 25.12 17.78 -19.53
N ILE B 463 26.39 18.10 -19.28
CA ILE B 463 27.43 18.06 -20.30
C ILE B 463 28.04 16.68 -20.31
N MET B 464 28.17 16.08 -21.49
CA MET B 464 28.61 14.69 -21.61
C MET B 464 29.87 14.55 -22.46
N SER B 465 30.32 15.60 -23.14
CA SER B 465 31.43 15.48 -24.06
C SER B 465 31.94 16.87 -24.41
N LEU B 466 33.20 16.94 -24.83
CA LEU B 466 33.82 18.19 -25.22
C LEU B 466 34.74 17.96 -26.41
N SER B 467 34.87 18.98 -27.23
CA SER B 467 35.79 18.97 -28.35
C SER B 467 36.10 20.41 -28.74
N HIS B 468 37.36 20.68 -29.03
CA HIS B 468 37.80 22.05 -29.31
C HIS B 468 38.19 22.19 -30.78
N SER B 469 37.93 23.38 -31.32
CA SER B 469 38.30 23.71 -32.69
C SER B 469 39.78 24.08 -32.75
N PRO B 470 40.56 23.45 -33.62
CA PRO B 470 42.01 23.69 -33.63
C PRO B 470 42.41 24.99 -34.33
N GLN B 471 41.56 25.51 -35.19
CA GLN B 471 41.91 26.71 -35.97
C GLN B 471 41.46 27.99 -35.27
N GLU B 472 40.16 28.15 -35.06
CA GLU B 472 39.61 29.27 -34.33
C GLU B 472 39.23 28.85 -32.91
N ASP B 473 39.31 29.79 -31.98
CA ASP B 473 39.15 29.48 -30.56
C ASP B 473 37.67 29.34 -30.22
N TRP B 474 37.14 28.15 -30.45
CA TRP B 474 35.76 27.80 -30.10
C TRP B 474 35.76 26.40 -29.48
N VAL B 475 34.82 26.17 -28.56
CA VAL B 475 34.69 24.89 -27.87
C VAL B 475 33.28 24.35 -28.10
N LEU B 476 33.20 23.09 -28.49
CA LEU B 476 31.93 22.44 -28.81
C LEU B 476 31.46 21.62 -27.62
N LEU B 477 30.16 21.66 -27.35
CA LEU B 477 29.55 20.96 -26.24
C LEU B 477 28.55 19.92 -26.72
N GLY B 478 28.30 18.92 -25.88
CA GLY B 478 27.22 17.98 -26.09
C GLY B 478 26.37 17.90 -24.84
N MET B 479 25.07 18.10 -24.98
CA MET B 479 24.17 18.18 -23.85
C MET B 479 23.35 16.91 -23.72
N ALA B 480 22.84 16.67 -22.51
CA ALA B 480 22.08 15.45 -22.23
C ALA B 480 20.70 15.45 -22.87
N ASN B 481 20.18 16.59 -23.30
CA ASN B 481 18.85 16.67 -23.86
C ASN B 481 18.84 16.72 -25.39
N GLY B 482 19.99 16.51 -26.02
CA GLY B 482 20.08 16.49 -27.47
C GLY B 482 20.50 17.78 -28.11
N GLN B 483 20.92 18.77 -27.33
CA GLN B 483 21.25 20.10 -27.83
C GLN B 483 22.76 20.23 -27.99
N GLN B 484 23.16 21.09 -28.92
CA GLN B 484 24.56 21.36 -29.20
C GLN B 484 24.81 22.86 -29.11
N TRP B 485 25.93 23.22 -28.49
CA TRP B 485 26.26 24.62 -28.24
C TRP B 485 27.71 24.89 -28.61
N LEU B 486 27.99 26.15 -28.96
CA LEU B 486 29.34 26.60 -29.26
C LEU B 486 29.70 27.72 -28.30
N GLN B 487 30.80 27.55 -27.59
CA GLN B 487 31.30 28.56 -26.66
C GLN B 487 32.59 29.17 -27.21
N SER B 488 32.63 30.49 -27.27
CA SER B 488 33.80 31.21 -27.74
C SER B 488 34.70 31.53 -26.54
N THR B 489 36.01 31.47 -26.76
CA THR B 489 36.95 31.71 -25.68
C THR B 489 37.02 33.16 -25.25
N SER B 490 36.41 34.08 -26.02
CA SER B 490 36.35 35.48 -25.59
C SER B 490 35.48 35.67 -24.36
N GLY B 491 34.67 34.68 -24.00
CA GLY B 491 33.88 34.71 -22.79
C GLY B 491 32.52 35.35 -22.90
N SER B 492 32.13 35.83 -24.07
CA SER B 492 30.84 36.49 -24.23
C SER B 492 29.92 35.77 -25.19
N GLN B 493 30.37 35.46 -26.39
CA GLN B 493 29.48 34.94 -27.42
C GLN B 493 29.13 33.47 -27.16
N ARG B 494 27.88 33.12 -27.43
CA ARG B 494 27.40 31.74 -27.31
C ARG B 494 26.41 31.47 -28.43
N HIS B 495 26.47 30.26 -28.99
CA HIS B 495 25.58 29.87 -30.09
C HIS B 495 24.91 28.54 -29.76
N MET B 496 23.82 28.27 -30.47
CA MET B 496 23.05 27.03 -30.27
C MET B 496 22.59 26.55 -31.65
N VAL B 497 23.21 25.49 -32.15
CA VAL B 497 22.89 24.95 -33.47
C VAL B 497 22.88 23.44 -33.45
N GLY B 498 21.71 22.84 -33.46
CA GLY B 498 21.57 21.40 -33.56
C GLY B 498 20.60 20.85 -32.54
N GLN B 499 19.98 19.72 -32.89
CA GLN B 499 19.03 19.07 -31.99
C GLN B 499 18.95 17.59 -32.31
N LYS B 500 19.05 16.76 -31.28
CA LYS B 500 18.85 15.32 -31.38
C LYS B 500 17.83 14.86 -30.34
N ASP B 501 17.21 13.73 -30.62
CA ASP B 501 16.06 13.27 -29.85
C ASP B 501 16.46 12.49 -28.59
N SER B 502 17.72 12.49 -28.20
CA SER B 502 18.18 11.72 -27.05
C SER B 502 19.53 12.28 -26.59
N VAL B 503 20.12 11.61 -25.60
CA VAL B 503 21.35 12.09 -24.99
C VAL B 503 22.51 11.99 -25.98
N ILE B 504 23.39 12.99 -25.94
CA ILE B 504 24.62 13.00 -26.75
C ILE B 504 25.82 12.95 -25.81
N LEU B 505 26.70 11.98 -26.03
CA LEU B 505 27.85 11.79 -25.15
C LEU B 505 29.13 11.56 -25.95
N SER B 506 29.24 12.22 -27.11
CA SER B 506 30.42 12.11 -27.95
C SER B 506 30.46 13.20 -29.02
N VAL B 507 31.49 14.04 -28.98
CA VAL B 507 31.72 15.06 -30.00
C VAL B 507 33.21 15.09 -30.33
N LYS B 508 33.54 15.22 -31.62
CA LYS B 508 34.93 15.20 -32.06
C LYS B 508 35.11 16.18 -33.21
N PHE B 509 36.11 17.05 -33.10
CA PHE B 509 36.35 18.12 -34.06
C PHE B 509 37.52 17.73 -34.98
N SER B 510 37.34 17.93 -36.27
CA SER B 510 38.37 17.58 -37.25
C SER B 510 39.61 18.47 -37.07
N PRO B 511 40.80 17.93 -37.35
CA PRO B 511 42.02 18.75 -37.20
C PRO B 511 42.07 19.98 -38.10
N PHE B 512 41.32 19.98 -39.20
CA PHE B 512 41.32 21.15 -40.08
C PHE B 512 40.42 22.26 -39.57
N GLY B 513 39.58 22.00 -38.57
CA GLY B 513 38.80 23.04 -37.93
C GLY B 513 37.53 23.43 -38.66
N GLN B 514 37.07 22.64 -39.62
CA GLN B 514 35.91 23.03 -40.41
C GLN B 514 34.63 22.26 -40.06
N TRP B 515 34.74 21.06 -39.50
CA TRP B 515 33.56 20.22 -39.30
C TRP B 515 33.79 19.29 -38.11
N TRP B 516 32.68 18.76 -37.59
CA TRP B 516 32.72 17.86 -36.43
C TRP B 516 31.68 16.77 -36.61
N ALA B 517 31.76 15.75 -35.76
CA ALA B 517 30.82 14.64 -35.73
C ALA B 517 30.34 14.42 -34.30
N SER B 518 29.07 14.05 -34.15
CA SER B 518 28.46 13.88 -32.84
C SER B 518 27.72 12.55 -32.78
N VAL B 519 27.85 11.86 -31.64
CA VAL B 519 27.17 10.61 -31.38
C VAL B 519 26.62 10.63 -29.96
N GLY B 520 25.61 9.80 -29.71
CA GLY B 520 24.99 9.75 -28.40
C GLY B 520 24.08 8.54 -28.25
N MET B 521 23.24 8.59 -27.22
CA MET B 521 22.31 7.50 -26.94
C MET B 521 21.33 7.28 -28.08
N ASP B 522 21.12 8.28 -28.93
CA ASP B 522 20.22 8.11 -30.08
C ASP B 522 20.79 7.12 -31.08
N ASP B 523 22.08 6.78 -30.95
CA ASP B 523 22.75 5.79 -31.78
C ASP B 523 22.87 6.27 -33.22
N PHE B 524 22.74 7.58 -33.43
CA PHE B 524 22.89 8.19 -34.75
C PHE B 524 24.18 8.99 -34.81
N LEU B 525 24.96 8.76 -35.86
CA LEU B 525 26.20 9.49 -36.08
C LEU B 525 26.06 10.37 -37.31
N GLY B 526 26.24 11.67 -37.13
CA GLY B 526 26.09 12.63 -38.21
C GLY B 526 27.21 13.64 -38.21
N VAL B 527 27.33 14.36 -39.33
CA VAL B 527 28.41 15.31 -39.55
C VAL B 527 27.83 16.71 -39.64
N TYR B 528 28.43 17.65 -38.92
CA TYR B 528 27.99 19.03 -38.87
C TYR B 528 29.08 19.95 -39.42
N SER B 529 28.68 21.12 -39.91
CA SER B 529 29.60 22.07 -40.52
C SER B 529 29.52 23.42 -39.82
N MET B 530 30.67 23.99 -39.48
CA MET B 530 30.76 25.29 -38.84
C MET B 530 30.52 26.41 -39.85
N PRO B 531 29.89 27.53 -39.43
CA PRO B 531 29.31 27.82 -38.12
C PRO B 531 27.78 27.70 -38.09
N ALA B 532 27.14 27.47 -39.24
CA ALA B 532 25.69 27.42 -39.27
C ALA B 532 25.13 26.21 -38.54
N GLY B 533 25.95 25.22 -38.21
CA GLY B 533 25.45 24.02 -37.58
C GLY B 533 24.54 23.21 -38.48
N THR B 534 24.80 23.20 -39.78
CA THR B 534 23.98 22.48 -40.74
C THR B 534 24.39 21.02 -40.77
N LYS B 535 23.44 20.16 -41.07
CA LYS B 535 23.66 18.72 -41.06
C LYS B 535 24.15 18.24 -42.42
N VAL B 536 25.18 17.40 -42.39
CA VAL B 536 25.58 16.60 -43.53
C VAL B 536 25.06 15.18 -43.29
N PHE B 537 24.79 14.46 -44.37
CA PHE B 537 24.06 13.20 -44.28
C PHE B 537 24.74 12.23 -43.32
N GLU B 538 23.93 11.47 -42.60
CA GLU B 538 24.35 10.71 -41.43
C GLU B 538 24.27 9.21 -41.70
N VAL B 539 24.84 8.44 -40.77
CA VAL B 539 24.87 6.99 -40.86
C VAL B 539 24.33 6.40 -39.57
N PRO B 540 23.35 5.50 -39.63
CA PRO B 540 22.73 4.99 -38.41
C PRO B 540 23.38 3.71 -37.90
N GLU B 541 23.53 3.62 -36.57
CA GLU B 541 23.97 2.40 -35.93
C GLU B 541 22.76 1.63 -35.38
N MET B 542 23.02 0.58 -34.62
CA MET B 542 21.97 -0.28 -34.07
C MET B 542 21.92 -0.27 -32.54
N SER B 543 22.84 0.43 -31.89
CA SER B 543 22.93 0.43 -30.43
C SER B 543 23.61 1.71 -29.99
N PRO B 544 23.52 2.10 -28.72
CA PRO B 544 24.16 3.35 -28.27
C PRO B 544 25.64 3.36 -28.59
N VAL B 545 26.10 4.49 -29.13
CA VAL B 545 27.49 4.67 -29.52
C VAL B 545 28.17 5.56 -28.48
N THR B 546 29.29 5.08 -27.93
CA THR B 546 29.98 5.78 -26.86
C THR B 546 31.39 6.20 -27.21
N CYS B 547 31.92 5.79 -28.37
CA CYS B 547 33.29 6.09 -28.76
C CYS B 547 33.34 6.63 -30.18
N CYS B 548 34.18 7.64 -30.39
CA CYS B 548 34.38 8.20 -31.72
C CYS B 548 35.71 8.93 -31.74
N ASP B 549 36.47 8.77 -32.83
CA ASP B 549 37.75 9.43 -32.98
C ASP B 549 38.04 9.64 -34.46
N VAL B 550 38.80 10.69 -34.77
CA VAL B 550 39.16 11.03 -36.15
C VAL B 550 40.68 11.15 -36.25
N SER B 551 41.26 10.61 -37.31
CA SER B 551 42.69 10.58 -37.49
C SER B 551 43.24 11.96 -37.84
N SER B 552 44.50 12.20 -37.46
CA SER B 552 45.17 13.44 -37.82
C SER B 552 45.40 13.55 -39.32
N ASN B 553 45.28 12.44 -40.05
CA ASN B 553 45.32 12.45 -41.50
C ASN B 553 44.08 13.07 -42.11
N ASN B 554 43.00 13.21 -41.33
CA ASN B 554 41.75 13.80 -41.81
C ASN B 554 41.14 12.97 -42.93
N ARG B 555 41.23 11.64 -42.81
CA ARG B 555 40.65 10.74 -43.79
C ARG B 555 39.88 9.58 -43.18
N LEU B 556 40.03 9.30 -41.89
CA LEU B 556 39.37 8.15 -41.25
C LEU B 556 38.74 8.58 -39.94
N VAL B 557 37.63 7.92 -39.59
CA VAL B 557 36.98 8.07 -38.30
C VAL B 557 36.56 6.69 -37.81
N VAL B 558 36.84 6.40 -36.54
CA VAL B 558 36.56 5.10 -35.93
C VAL B 558 35.57 5.30 -34.78
N THR B 559 34.70 4.32 -34.60
CA THR B 559 33.66 4.36 -33.57
C THR B 559 33.74 3.14 -32.68
N GLY B 560 33.14 3.25 -31.50
CA GLY B 560 33.02 2.11 -30.61
C GLY B 560 31.62 1.98 -30.01
N SER B 561 30.94 0.87 -30.28
CA SER B 561 29.61 0.62 -29.74
C SER B 561 29.43 -0.87 -29.52
N GLY B 562 29.00 -1.24 -28.32
CA GLY B 562 28.84 -2.65 -28.01
C GLY B 562 30.18 -3.36 -27.96
N GLU B 563 30.18 -4.61 -28.43
CA GLU B 563 31.39 -5.41 -28.45
C GLU B 563 32.16 -5.29 -29.77
N HIS B 564 31.94 -4.20 -30.51
CA HIS B 564 32.50 -4.04 -31.85
C HIS B 564 33.04 -2.63 -32.03
N ALA B 565 33.87 -2.47 -33.06
CA ALA B 565 34.38 -1.18 -33.49
C ALA B 565 34.34 -1.13 -35.01
N SER B 566 34.40 0.08 -35.56
CA SER B 566 34.33 0.26 -37.00
C SER B 566 35.33 1.32 -37.44
N VAL B 567 35.72 1.24 -38.72
CA VAL B 567 36.63 2.20 -39.33
C VAL B 567 35.96 2.74 -40.59
N TYR B 568 35.74 4.06 -40.62
CA TYR B 568 35.04 4.73 -41.70
C TYR B 568 36.03 5.48 -42.59
N GLN B 569 35.68 5.59 -43.87
CA GLN B 569 36.48 6.32 -44.84
C GLN B 569 35.77 7.62 -45.22
N ILE B 570 36.52 8.73 -45.24
CA ILE B 570 35.98 10.05 -45.48
C ILE B 570 36.25 10.45 -46.93
N THR B 571 35.21 10.90 -47.63
CA THR B 571 35.30 11.34 -49.01
C THR B 571 35.00 12.84 -49.08
N TYR B 572 35.91 13.61 -49.66
CA TYR B 572 35.73 15.05 -49.79
C TYR B 572 35.11 15.40 -51.14
N ILE C 36 65.31 -10.25 -37.48
CA ILE C 36 64.09 -10.22 -36.67
C ILE C 36 63.15 -9.14 -37.19
N ARG C 37 61.99 -9.56 -37.69
CA ARG C 37 61.03 -8.62 -38.25
C ARG C 37 60.35 -7.82 -37.15
N PRO C 38 60.33 -6.48 -37.23
CA PRO C 38 59.59 -5.69 -36.24
C PRO C 38 58.10 -6.01 -36.29
N TRP C 39 57.45 -5.85 -35.13
CA TRP C 39 56.04 -6.21 -35.02
C TRP C 39 55.15 -5.32 -35.87
N TRP C 40 55.51 -4.04 -36.03
CA TRP C 40 54.67 -3.14 -36.81
C TRP C 40 54.88 -3.26 -38.31
N PHE C 41 55.90 -4.00 -38.75
CA PHE C 41 56.11 -4.20 -40.18
C PHE C 41 55.40 -5.47 -40.62
N PRO C 42 54.46 -5.39 -41.57
CA PRO C 42 53.78 -6.60 -42.03
C PRO C 42 54.75 -7.55 -42.73
N VAL C 43 54.49 -8.85 -42.56
CA VAL C 43 55.35 -9.86 -43.17
C VAL C 43 55.23 -9.85 -44.68
N GLN C 44 54.07 -9.47 -45.22
CA GLN C 44 53.85 -9.52 -46.66
C GLN C 44 54.78 -8.57 -47.41
N GLU C 45 55.07 -7.40 -46.84
CA GLU C 45 55.86 -6.41 -47.55
C GLU C 45 57.32 -6.83 -47.73
N LEU C 46 57.75 -7.91 -47.06
CA LEU C 46 59.12 -8.39 -47.23
C LEU C 46 59.40 -8.79 -48.67
N ARG C 47 58.38 -9.20 -49.43
CA ARG C 47 58.59 -9.73 -50.76
C ARG C 47 59.06 -8.65 -51.73
N ASP C 48 59.93 -9.04 -52.65
CA ASP C 48 60.43 -8.17 -53.71
C ASP C 48 61.07 -6.87 -53.19
N PRO C 49 62.23 -6.97 -52.56
CA PRO C 49 62.89 -5.76 -52.06
C PRO C 49 63.62 -5.00 -53.17
N LEU C 50 64.04 -3.79 -52.82
CA LEU C 50 64.85 -2.96 -53.70
C LEU C 50 66.30 -2.98 -53.21
N VAL C 51 67.24 -3.14 -54.14
CA VAL C 51 68.66 -3.24 -53.83
C VAL C 51 69.42 -2.19 -54.61
N PHE C 52 70.26 -1.42 -53.91
CA PHE C 52 71.14 -0.47 -54.56
C PHE C 52 72.47 -0.46 -53.81
N TYR C 53 73.53 -0.09 -54.52
CA TYR C 53 74.88 -0.12 -53.98
C TYR C 53 75.38 1.29 -53.68
N LEU C 54 76.36 1.37 -52.78
CA LEU C 54 77.00 2.61 -52.39
C LEU C 54 78.43 2.29 -51.97
N GLU C 55 79.19 3.35 -51.67
CA GLU C 55 80.57 3.18 -51.26
C GLU C 55 80.67 2.95 -49.76
N ALA C 56 81.73 2.25 -49.35
CA ALA C 56 81.88 1.88 -47.94
C ALA C 56 82.04 3.11 -47.03
N TRP C 57 82.90 4.05 -47.44
CA TRP C 57 83.10 5.25 -46.63
C TRP C 57 81.82 6.08 -46.57
N LEU C 58 81.06 6.11 -47.67
CA LEU C 58 79.75 6.76 -47.64
C LEU C 58 78.83 6.09 -46.63
N ALA C 59 78.86 4.76 -46.58
CA ALA C 59 78.02 4.04 -45.62
C ALA C 59 78.42 4.38 -44.19
N ASP C 60 79.71 4.43 -43.91
CA ASP C 60 80.16 4.75 -42.55
C ASP C 60 79.87 6.20 -42.20
N GLU C 61 79.82 7.08 -43.20
CA GLU C 61 79.42 8.47 -42.93
C GLU C 61 77.92 8.57 -42.64
N LEU C 62 77.10 7.89 -43.44
CA LEU C 62 75.66 8.00 -43.29
C LEU C 62 75.17 7.29 -42.02
N PHE C 63 75.38 5.98 -41.95
CA PHE C 63 74.80 5.18 -40.89
C PHE C 63 75.71 5.05 -39.68
N GLY C 64 76.94 5.54 -39.77
CA GLY C 64 77.89 5.42 -38.68
C GLY C 64 78.64 4.11 -38.77
N PRO C 65 79.82 4.04 -38.13
CA PRO C 65 80.56 2.76 -38.12
C PRO C 65 79.81 1.65 -37.41
N ASP C 66 79.00 1.98 -36.41
CA ASP C 66 78.26 0.98 -35.64
C ASP C 66 76.88 0.68 -36.20
N ARG C 67 76.41 1.44 -37.19
CA ARG C 67 75.11 1.26 -37.82
C ARG C 67 73.97 1.31 -36.82
N ALA C 68 74.11 2.11 -35.75
CA ALA C 68 73.06 2.21 -34.73
C ALA C 68 71.87 3.03 -35.20
N ILE C 69 72.05 3.94 -36.15
CA ILE C 69 70.96 4.81 -36.58
C ILE C 69 69.98 4.12 -37.51
N ILE C 70 70.25 2.87 -37.91
CA ILE C 70 69.37 2.18 -38.86
C ILE C 70 67.94 2.03 -38.33
N PRO C 71 67.70 1.58 -37.09
CA PRO C 71 66.29 1.44 -36.64
C PRO C 71 65.50 2.74 -36.66
N GLU C 72 66.12 3.86 -36.30
CA GLU C 72 65.39 5.13 -36.28
C GLU C 72 64.95 5.55 -37.67
N MET C 73 65.86 5.43 -38.65
CA MET C 73 65.50 5.72 -40.03
C MET C 73 64.47 4.72 -40.55
N GLU C 74 64.57 3.47 -40.11
CA GLU C 74 63.58 2.47 -40.51
C GLU C 74 62.19 2.87 -40.04
N TRP C 75 62.08 3.29 -38.78
CA TRP C 75 60.76 3.71 -38.27
C TRP C 75 60.27 4.95 -38.99
N THR C 76 61.08 6.00 -39.05
CA THR C 76 60.61 7.27 -39.61
C THR C 76 60.29 7.13 -41.09
N SER C 77 60.98 6.22 -41.79
CA SER C 77 60.69 5.98 -43.20
C SER C 77 59.65 4.88 -43.39
N GLN C 78 59.41 4.05 -42.37
CA GLN C 78 58.48 2.93 -42.45
C GLN C 78 58.91 1.90 -43.49
N ALA C 79 60.18 1.49 -43.43
CA ALA C 79 60.74 0.49 -44.31
C ALA C 79 61.88 -0.23 -43.60
N LEU C 80 62.26 -1.39 -44.11
CA LEU C 80 63.28 -2.23 -43.50
C LEU C 80 64.55 -2.18 -44.32
N LEU C 81 65.69 -2.01 -43.65
CA LEU C 81 66.97 -1.78 -44.30
C LEU C 81 68.01 -2.82 -43.87
N THR C 82 68.90 -3.17 -44.79
CA THR C 82 70.05 -4.02 -44.51
C THR C 82 71.30 -3.37 -45.10
N VAL C 83 72.37 -3.31 -44.32
CA VAL C 83 73.62 -2.68 -44.73
C VAL C 83 74.76 -3.69 -44.59
N ASP C 84 75.50 -3.90 -45.67
CA ASP C 84 76.65 -4.81 -45.66
C ASP C 84 77.63 -4.40 -46.75
N ILE C 85 78.89 -4.77 -46.56
CA ILE C 85 79.95 -4.51 -47.53
C ILE C 85 80.18 -5.79 -48.30
N VAL C 86 80.01 -5.75 -49.62
CA VAL C 86 79.94 -6.95 -50.44
C VAL C 86 81.01 -7.01 -51.51
N ASP C 87 81.77 -5.94 -51.74
CA ASP C 87 82.75 -5.89 -52.84
C ASP C 87 84.12 -5.50 -52.29
N SER C 88 84.82 -6.47 -51.70
CA SER C 88 86.21 -6.34 -51.26
C SER C 88 86.42 -5.21 -50.27
N GLY C 89 85.37 -4.75 -49.60
CA GLY C 89 85.47 -3.61 -48.71
C GLY C 89 85.24 -2.28 -49.37
N ASN C 90 85.04 -2.26 -50.69
CA ASN C 90 84.88 -1.01 -51.41
C ASN C 90 83.42 -0.60 -51.55
N LEU C 91 82.54 -1.54 -51.91
CA LEU C 91 81.16 -1.24 -52.24
C LEU C 91 80.24 -1.91 -51.22
N VAL C 92 79.25 -1.16 -50.73
CA VAL C 92 78.28 -1.66 -49.77
C VAL C 92 76.94 -1.87 -50.47
N GLU C 93 76.25 -2.95 -50.13
CA GLU C 93 74.93 -3.24 -50.67
C GLU C 93 73.86 -2.92 -49.63
N ILE C 94 72.83 -2.19 -50.06
CA ILE C 94 71.72 -1.81 -49.19
C ILE C 94 70.44 -2.36 -49.78
N THR C 95 69.66 -3.06 -48.94
CA THR C 95 68.38 -3.64 -49.32
C THR C 95 67.27 -2.96 -48.53
N VAL C 96 66.22 -2.53 -49.23
CA VAL C 96 65.10 -1.81 -48.63
C VAL C 96 63.84 -2.64 -48.82
N PHE C 97 63.14 -2.91 -47.72
CA PHE C 97 61.89 -3.66 -47.73
C PHE C 97 60.71 -2.74 -47.50
N GLY C 98 59.63 -2.96 -48.25
CA GLY C 98 58.43 -2.18 -48.10
C GLY C 98 57.75 -1.96 -49.44
N ARG C 99 56.74 -1.09 -49.42
CA ARG C 99 56.03 -0.73 -50.64
C ARG C 99 56.95 0.03 -51.58
N PRO C 100 56.80 -0.16 -52.89
CA PRO C 100 57.76 0.42 -53.85
C PRO C 100 57.91 1.93 -53.76
N ARG C 101 56.83 2.66 -53.48
CA ARG C 101 56.95 4.11 -53.34
C ARG C 101 57.81 4.48 -52.13
N VAL C 102 57.62 3.78 -51.02
CA VAL C 102 58.45 4.01 -49.85
C VAL C 102 59.89 3.64 -50.14
N GLN C 103 60.10 2.55 -50.88
CA GLN C 103 61.45 2.17 -51.28
C GLN C 103 62.12 3.30 -52.05
N ASN C 104 61.41 3.86 -53.03
CA ASN C 104 61.98 4.95 -53.82
C ASN C 104 62.27 6.17 -52.97
N ARG C 105 61.37 6.50 -52.04
CA ARG C 105 61.57 7.66 -51.18
C ARG C 105 62.81 7.49 -50.31
N VAL C 106 62.98 6.32 -49.71
CA VAL C 106 64.14 6.06 -48.87
C VAL C 106 65.41 6.10 -49.72
N LYS C 107 65.37 5.46 -50.89
CA LYS C 107 66.55 5.44 -51.77
C LYS C 107 66.94 6.84 -52.18
N SER C 108 65.96 7.68 -52.52
CA SER C 108 66.25 9.04 -52.94
C SER C 108 66.84 9.85 -51.79
N MET C 109 66.29 9.71 -50.59
CA MET C 109 66.84 10.43 -49.45
C MET C 109 68.30 10.00 -49.18
N LEU C 110 68.56 8.69 -49.25
CA LEU C 110 69.92 8.20 -49.04
C LEU C 110 70.86 8.70 -50.12
N LEU C 111 70.42 8.70 -51.38
CA LEU C 111 71.25 9.20 -52.46
C LEU C 111 71.55 10.69 -52.30
N CYS C 112 70.55 11.48 -51.88
CA CYS C 112 70.79 12.90 -51.67
C CYS C 112 71.78 13.13 -50.53
N LEU C 113 71.65 12.37 -49.44
CA LEU C 113 72.61 12.51 -48.34
C LEU C 113 74.00 12.11 -48.79
N ALA C 114 74.11 11.03 -49.57
CA ALA C 114 75.40 10.60 -50.09
C ALA C 114 75.99 11.64 -51.04
N TRP C 115 75.14 12.30 -51.83
CA TRP C 115 75.62 13.34 -52.73
C TRP C 115 76.13 14.55 -51.96
N PHE C 116 75.44 14.92 -50.88
CA PHE C 116 75.93 15.99 -50.03
C PHE C 116 77.28 15.63 -49.41
N HIS C 117 77.41 14.38 -48.95
CA HIS C 117 78.70 13.93 -48.42
C HIS C 117 79.78 13.95 -49.49
N ARG C 118 79.46 13.54 -50.71
CA ARG C 118 80.41 13.58 -51.81
C ARG C 118 80.87 15.00 -52.09
N GLU C 119 79.92 15.93 -52.15
CA GLU C 119 80.26 17.32 -52.41
C GLU C 119 81.16 17.88 -51.31
N HIS C 120 80.80 17.63 -50.05
CA HIS C 120 81.60 18.13 -48.95
C HIS C 120 83.00 17.52 -48.95
N ARG C 121 83.09 16.21 -49.23
CA ARG C 121 84.40 15.56 -49.26
C ARG C 121 85.26 16.09 -50.40
N ALA C 122 84.68 16.28 -51.58
CA ALA C 122 85.43 16.83 -52.70
C ALA C 122 85.91 18.25 -52.39
N ARG C 123 85.04 19.07 -51.79
CA ARG C 123 85.45 20.43 -51.45
C ARG C 123 86.56 20.44 -50.41
N ALA C 124 86.48 19.55 -49.42
CA ALA C 124 87.51 19.49 -48.39
C ALA C 124 88.84 19.00 -48.97
N GLU C 125 88.80 17.99 -49.84
CA GLU C 125 90.03 17.47 -50.43
C GLU C 125 90.68 18.48 -51.37
N LYS C 126 89.88 19.24 -52.11
CA LYS C 126 90.46 20.27 -52.97
C LYS C 126 91.05 21.40 -52.15
N MET C 127 90.54 21.64 -50.94
CA MET C 127 91.07 22.66 -50.05
C MET C 127 92.44 22.28 -49.52
#